data_3KBZ
#
_entry.id   3KBZ
#
_cell.length_a   67.386
_cell.length_b   83.290
_cell.length_c   277.961
_cell.angle_alpha   90.000
_cell.angle_beta   90.000
_cell.angle_gamma   90.000
#
_symmetry.space_group_name_H-M   'P 21 21 21'
#
loop_
_entity.id
_entity.type
_entity.pdbx_description
1 polymer 'Fructose-1,6-bisphosphatase 1'
2 non-polymer '{[(2-amino-8H-indeno[1,2-d][1,3]thiazol-4-yl)oxy]methyl}phosphonic acid'
3 water water
#
_entity_poly.entity_id   1
_entity_poly.type   'polypeptide(L)'
_entity_poly.pdbx_seq_one_letter_code
;ADQAPFDTDVNTLTRFVMEEGRKARGTGELTQLLNSLCTAVKAISSAVRKAGIAHLYGIAGSTNVTGDQVKKLDVLSNDL
VMNMLKSSFATCVLVSEEDKHAIIVEPEKRGKYVVCFDPLDGSSNIDCLVSVGTIFGIYRKKSTDEPSEKDALQPGRNLV
AAGYALYGSATMLVLAMDCGVNCFMLDPAIGEFILVDKDVKIKKKGKIYSLNEGYAKDFDPAVTEYIQRKKFPPDNSAPY
GARYVGSMVADVHRTLVYGGIFLYPANKKSPNGKLRLLYECNPMAYVMEKAGGMATTGKEAVLDVIPTDIHQRAPVILGS
PDDVLEFLKVYEKHSAQ
;
_entity_poly.pdbx_strand_id   A,B,C,D
#
# COMPACT_ATOMS: atom_id res chain seq x y z
N ASP A 9 -7.06 -21.04 12.89
CA ASP A 9 -8.11 -20.51 11.96
C ASP A 9 -8.18 -18.98 12.04
N VAL A 10 -7.71 -18.34 10.98
CA VAL A 10 -7.70 -16.89 10.92
C VAL A 10 -9.12 -16.34 11.09
N ASN A 11 -9.21 -15.13 11.62
CA ASN A 11 -10.49 -14.48 11.81
C ASN A 11 -10.25 -13.01 11.49
N THR A 12 -11.23 -12.38 10.87
CA THR A 12 -11.11 -10.98 10.52
C THR A 12 -12.22 -10.20 11.23
N LEU A 13 -12.08 -8.89 11.28
CA LEU A 13 -13.09 -8.07 11.93
C LEU A 13 -14.45 -8.31 11.29
N THR A 14 -14.47 -8.35 9.96
CA THR A 14 -15.71 -8.57 9.22
C THR A 14 -16.36 -9.90 9.60
N ARG A 15 -15.56 -10.97 9.57
CA ARG A 15 -16.07 -12.29 9.91
C ARG A 15 -16.57 -12.33 11.36
N PHE A 16 -15.77 -11.80 12.28
CA PHE A 16 -16.12 -11.76 13.70
C PHE A 16 -17.44 -11.05 13.92
N VAL A 17 -17.52 -9.82 13.42
CA VAL A 17 -18.72 -9.01 13.55
C VAL A 17 -19.95 -9.68 12.95
N MET A 18 -19.80 -10.28 11.77
CA MET A 18 -20.92 -10.95 11.12
C MET A 18 -21.40 -12.14 11.94
N GLU A 19 -20.48 -12.85 12.57
CA GLU A 19 -20.84 -14.01 13.38
C GLU A 19 -21.58 -13.62 14.67
N GLU A 20 -21.06 -12.62 15.38
CA GLU A 20 -21.70 -12.16 16.60
C GLU A 20 -23.09 -11.64 16.25
N GLY A 21 -23.20 -10.99 15.10
CA GLY A 21 -24.49 -10.46 14.67
C GLY A 21 -25.48 -11.57 14.39
N ARG A 22 -25.01 -12.67 13.80
CA ARG A 22 -25.88 -13.80 13.49
C ARG A 22 -26.39 -14.41 14.79
N LYS A 23 -25.53 -14.53 15.78
CA LYS A 23 -25.90 -15.09 17.07
C LYS A 23 -26.96 -14.24 17.79
N ALA A 24 -26.88 -12.92 17.63
CA ALA A 24 -27.82 -12.03 18.28
C ALA A 24 -29.22 -12.10 17.67
N ARG A 25 -29.32 -12.70 16.49
CA ARG A 25 -30.59 -12.86 15.79
C ARG A 25 -31.42 -11.58 15.72
N GLY A 26 -30.78 -10.50 15.26
CA GLY A 26 -31.46 -9.22 15.14
C GLY A 26 -31.75 -8.84 13.70
N THR A 27 -31.75 -7.54 13.42
CA THR A 27 -32.03 -7.05 12.07
C THR A 27 -30.78 -6.94 11.21
N GLY A 28 -29.61 -7.04 11.85
CA GLY A 28 -28.35 -6.93 11.13
C GLY A 28 -27.82 -5.51 11.04
N GLU A 29 -28.55 -4.58 11.65
CA GLU A 29 -28.14 -3.18 11.62
C GLU A 29 -26.78 -2.92 12.23
N LEU A 30 -26.58 -3.41 13.45
CA LEU A 30 -25.30 -3.19 14.12
C LEU A 30 -24.15 -3.75 13.28
N THR A 31 -24.40 -4.84 12.57
CA THR A 31 -23.39 -5.43 11.71
C THR A 31 -23.00 -4.42 10.64
N GLN A 32 -24.01 -3.81 10.01
CA GLN A 32 -23.76 -2.83 8.96
C GLN A 32 -23.10 -1.58 9.51
N LEU A 33 -23.44 -1.22 10.73
CA LEU A 33 -22.84 -0.04 11.36
C LEU A 33 -21.36 -0.30 11.60
N LEU A 34 -21.05 -1.45 12.18
CA LEU A 34 -19.67 -1.81 12.47
C LEU A 34 -18.84 -1.97 11.20
N ASN A 35 -19.43 -2.55 10.16
CA ASN A 35 -18.74 -2.73 8.88
C ASN A 35 -18.38 -1.36 8.33
N SER A 36 -19.34 -0.44 8.41
CA SER A 36 -19.14 0.92 7.94
C SER A 36 -18.05 1.63 8.72
N LEU A 37 -18.05 1.42 10.03
CA LEU A 37 -17.06 2.03 10.91
C LEU A 37 -15.68 1.50 10.55
N CYS A 38 -15.62 0.19 10.32
CA CYS A 38 -14.37 -0.47 9.95
C CYS A 38 -13.80 0.16 8.69
N THR A 39 -14.65 0.34 7.69
CA THR A 39 -14.22 0.94 6.44
C THR A 39 -13.70 2.37 6.66
N ALA A 40 -14.41 3.13 7.48
CA ALA A 40 -13.99 4.50 7.75
C ALA A 40 -12.62 4.54 8.44
N VAL A 41 -12.39 3.60 9.36
CA VAL A 41 -11.13 3.54 10.08
C VAL A 41 -9.94 3.26 9.13
N LYS A 42 -10.13 2.34 8.19
CA LYS A 42 -9.06 2.04 7.23
C LYS A 42 -8.75 3.28 6.40
N ALA A 43 -9.80 4.03 6.06
CA ALA A 43 -9.62 5.25 5.26
C ALA A 43 -8.89 6.31 6.07
N ILE A 44 -9.23 6.40 7.36
CA ILE A 44 -8.57 7.36 8.24
C ILE A 44 -7.09 6.98 8.37
N SER A 45 -6.85 5.69 8.61
CA SER A 45 -5.49 5.19 8.76
C SER A 45 -4.67 5.55 7.52
N SER A 46 -5.22 5.29 6.33
CA SER A 46 -4.53 5.60 5.09
C SER A 46 -4.12 7.07 5.05
N ALA A 47 -5.04 7.94 5.43
CA ALA A 47 -4.76 9.37 5.41
C ALA A 47 -3.76 9.77 6.49
N VAL A 48 -3.85 9.13 7.66
CA VAL A 48 -2.92 9.47 8.74
C VAL A 48 -1.50 9.06 8.38
N ARG A 49 -1.33 7.93 7.71
CA ARG A 49 0.00 7.51 7.31
C ARG A 49 0.50 8.35 6.13
N LYS A 50 -0.29 9.35 5.78
CA LYS A 50 0.07 10.29 4.71
C LYS A 50 0.11 9.78 3.26
N ALA A 51 -0.77 8.86 2.92
CA ALA A 51 -0.80 8.36 1.55
C ALA A 51 -1.13 9.53 0.62
N GLY A 52 -0.38 9.64 -0.47
CA GLY A 52 -0.63 10.71 -1.42
C GLY A 52 -0.15 12.09 -1.04
N ILE A 53 0.58 12.22 0.07
CA ILE A 53 1.07 13.52 0.49
C ILE A 53 1.94 14.14 -0.62
N ALA A 54 2.51 13.29 -1.47
CA ALA A 54 3.36 13.75 -2.57
C ALA A 54 2.60 14.68 -3.52
N HIS A 55 1.31 14.43 -3.73
CA HIS A 55 0.49 15.27 -4.58
C HIS A 55 0.29 16.64 -3.94
N LEU A 56 0.27 16.66 -2.62
CA LEU A 56 0.10 17.91 -1.88
C LEU A 56 1.36 18.77 -2.07
N TYR A 57 2.49 18.12 -2.36
CA TYR A 57 3.74 18.85 -2.53
C TYR A 57 4.19 19.10 -3.97
N GLY A 58 3.27 18.93 -4.92
CA GLY A 58 3.58 19.21 -6.32
C GLY A 58 4.21 18.15 -7.19
N ILE A 59 4.12 16.87 -6.84
CA ILE A 59 4.75 15.85 -7.65
C ILE A 59 4.17 15.90 -9.07
N ALA A 60 2.91 16.31 -9.19
CA ALA A 60 2.26 16.39 -10.49
C ALA A 60 2.12 17.84 -10.97
N GLY A 61 2.88 18.74 -10.36
CA GLY A 61 2.84 20.15 -10.74
C GLY A 61 1.82 20.97 -9.98
N VAL A 70 -6.53 18.08 0.75
CA VAL A 70 -6.04 19.34 1.27
C VAL A 70 -6.69 19.73 2.60
N LYS A 71 -7.84 19.15 2.90
CA LYS A 71 -8.53 19.47 4.16
C LYS A 71 -7.76 18.91 5.36
N LYS A 72 -8.03 19.45 6.54
CA LYS A 72 -7.34 18.99 7.73
C LYS A 72 -7.73 17.57 8.07
N LEU A 73 -6.78 16.84 8.66
CA LEU A 73 -6.98 15.44 9.01
C LEU A 73 -8.17 15.22 9.94
N ASP A 74 -8.34 16.07 10.95
CA ASP A 74 -9.46 15.91 11.85
C ASP A 74 -10.80 16.10 11.15
N VAL A 75 -10.85 17.06 10.22
CA VAL A 75 -12.04 17.34 9.45
C VAL A 75 -12.36 16.15 8.54
N LEU A 76 -11.33 15.66 7.86
CA LEU A 76 -11.48 14.53 6.96
C LEU A 76 -11.97 13.32 7.72
N SER A 77 -11.34 13.06 8.88
CA SER A 77 -11.71 11.92 9.70
C SER A 77 -13.16 12.02 10.13
N ASN A 78 -13.57 13.21 10.53
CA ASN A 78 -14.95 13.44 10.96
C ASN A 78 -15.90 13.18 9.79
N ASP A 79 -15.52 13.63 8.60
CA ASP A 79 -16.36 13.42 7.42
C ASP A 79 -16.48 11.93 7.09
N LEU A 80 -15.36 11.21 7.15
CA LEU A 80 -15.35 9.78 6.88
C LEU A 80 -16.31 9.02 7.80
N VAL A 81 -16.18 9.22 9.10
CA VAL A 81 -17.05 8.54 10.06
C VAL A 81 -18.51 8.94 9.85
N MET A 82 -18.76 10.25 9.79
CA MET A 82 -20.12 10.76 9.57
C MET A 82 -20.77 10.13 8.33
N ASN A 83 -20.09 10.21 7.20
CA ASN A 83 -20.62 9.66 5.96
C ASN A 83 -20.83 8.15 5.99
N MET A 84 -19.87 7.40 6.52
CA MET A 84 -20.01 5.96 6.56
C MET A 84 -21.15 5.55 7.49
N LEU A 85 -21.25 6.18 8.66
CA LEU A 85 -22.32 5.86 9.59
C LEU A 85 -23.70 6.22 9.02
N LYS A 86 -23.84 7.41 8.44
CA LYS A 86 -25.11 7.80 7.86
C LYS A 86 -25.53 6.80 6.80
N SER A 87 -24.60 6.52 5.88
CA SER A 87 -24.86 5.61 4.77
C SER A 87 -25.09 4.15 5.19
N SER A 88 -24.89 3.84 6.46
CA SER A 88 -25.09 2.47 6.93
C SER A 88 -26.56 2.18 7.19
N PHE A 89 -27.37 3.24 7.31
CA PHE A 89 -28.81 3.09 7.57
C PHE A 89 -29.05 2.50 8.96
N ALA A 90 -28.03 2.49 9.81
CA ALA A 90 -28.18 1.93 11.14
C ALA A 90 -28.21 2.94 12.29
N THR A 91 -28.03 4.23 11.98
CA THR A 91 -27.98 5.27 12.99
C THR A 91 -29.04 6.36 12.84
N CYS A 92 -29.26 7.12 13.91
CA CYS A 92 -30.24 8.21 13.89
C CYS A 92 -29.72 9.49 14.51
N VAL A 93 -28.82 9.35 15.49
CA VAL A 93 -28.23 10.50 16.17
C VAL A 93 -26.72 10.28 16.25
N LEU A 94 -25.94 11.26 15.81
CA LEU A 94 -24.49 11.16 15.82
C LEU A 94 -23.86 12.34 16.57
N VAL A 95 -23.07 12.02 17.59
CA VAL A 95 -22.39 13.06 18.37
C VAL A 95 -20.90 12.93 18.17
N SER A 96 -20.29 14.03 17.72
CA SER A 96 -18.85 14.06 17.49
C SER A 96 -18.24 15.34 18.09
N GLU A 97 -16.93 15.38 18.28
CA GLU A 97 -16.35 16.61 18.82
C GLU A 97 -16.55 17.80 17.88
N GLU A 98 -16.44 17.53 16.57
CA GLU A 98 -16.55 18.57 15.54
C GLU A 98 -17.81 19.44 15.53
N ASP A 99 -18.99 18.83 15.62
CA ASP A 99 -20.20 19.62 15.59
C ASP A 99 -20.85 19.86 16.94
N LYS A 100 -20.88 21.13 17.30
CA LYS A 100 -21.48 21.61 18.54
C LYS A 100 -22.79 20.92 18.87
N HIS A 101 -23.61 20.66 17.86
CA HIS A 101 -24.90 20.02 18.07
C HIS A 101 -24.89 18.59 17.55
N ALA A 102 -25.76 17.76 18.13
CA ALA A 102 -25.85 16.38 17.70
C ALA A 102 -26.41 16.40 16.29
N ILE A 103 -25.87 15.55 15.41
CA ILE A 103 -26.36 15.48 14.04
C ILE A 103 -27.51 14.50 14.02
N ILE A 104 -28.58 14.87 13.32
CA ILE A 104 -29.77 14.02 13.21
C ILE A 104 -29.80 13.48 11.78
N VAL A 105 -29.75 12.15 11.66
CA VAL A 105 -29.76 11.53 10.35
C VAL A 105 -31.10 11.74 9.67
N GLU A 106 -31.07 12.04 8.38
CA GLU A 106 -32.29 12.26 7.63
C GLU A 106 -33.16 11.02 7.73
N PRO A 107 -34.49 11.20 7.80
CA PRO A 107 -35.45 10.09 7.90
C PRO A 107 -35.22 8.87 7.01
N GLU A 108 -34.90 9.09 5.74
CA GLU A 108 -34.70 7.98 4.80
C GLU A 108 -33.45 7.12 5.04
N LYS A 109 -32.63 7.50 6.00
CA LYS A 109 -31.41 6.74 6.29
C LYS A 109 -31.32 6.36 7.76
N ARG A 110 -32.40 6.58 8.50
CA ARG A 110 -32.42 6.28 9.93
C ARG A 110 -32.42 4.83 10.35
N GLY A 111 -31.55 4.53 11.32
CA GLY A 111 -31.44 3.21 11.89
C GLY A 111 -31.74 3.38 13.37
N LYS A 112 -31.65 2.31 14.16
CA LYS A 112 -31.94 2.41 15.58
C LYS A 112 -30.78 2.71 16.51
N TYR A 113 -29.59 2.95 15.97
CA TYR A 113 -28.43 3.21 16.83
C TYR A 113 -27.99 4.66 16.94
N VAL A 114 -27.40 4.97 18.08
CA VAL A 114 -26.87 6.30 18.39
C VAL A 114 -25.37 6.13 18.52
N VAL A 115 -24.60 6.97 17.87
CA VAL A 115 -23.16 6.85 17.94
C VAL A 115 -22.47 8.14 18.38
N CYS A 116 -21.65 8.03 19.41
CA CYS A 116 -20.89 9.17 19.91
C CYS A 116 -19.45 8.85 19.57
N PHE A 117 -18.74 9.80 18.96
CA PHE A 117 -17.37 9.52 18.60
C PHE A 117 -16.44 10.73 18.50
N ASP A 118 -15.14 10.43 18.53
CA ASP A 118 -14.10 11.43 18.42
C ASP A 118 -13.35 10.94 17.17
N PRO A 119 -13.60 11.56 16.01
CA PRO A 119 -12.99 11.19 14.73
C PRO A 119 -11.47 11.04 14.74
N LEU A 120 -10.77 12.00 15.33
CA LEU A 120 -9.32 11.89 15.39
C LEU A 120 -8.77 12.49 16.68
N ASP A 121 -8.80 11.66 17.73
CA ASP A 121 -8.33 12.03 19.05
C ASP A 121 -6.84 12.32 19.06
N GLY A 122 -6.48 13.47 19.61
CA GLY A 122 -5.08 13.86 19.69
C GLY A 122 -4.57 14.55 18.45
N SER A 123 -5.48 14.93 17.55
CA SER A 123 -5.10 15.60 16.31
C SER A 123 -4.65 17.05 16.51
N SER A 124 -4.57 17.49 17.76
CA SER A 124 -4.14 18.85 18.08
C SER A 124 -2.62 18.90 18.02
N ASN A 125 -2.02 17.73 18.24
CA ASN A 125 -0.56 17.54 18.25
C ASN A 125 -0.13 16.52 17.17
N ILE A 126 -0.86 16.44 16.07
CA ILE A 126 -0.55 15.50 14.99
C ILE A 126 0.69 15.90 14.16
N ASP A 127 1.22 17.09 14.44
CA ASP A 127 2.40 17.61 13.73
C ASP A 127 3.69 16.89 14.09
N CYS A 128 3.77 16.43 15.33
CA CYS A 128 4.94 15.72 15.83
C CYS A 128 4.84 14.23 15.54
N LEU A 129 3.83 13.84 14.76
CA LEU A 129 3.60 12.44 14.40
C LEU A 129 3.27 11.57 15.60
N VAL A 130 2.71 12.16 16.65
CA VAL A 130 2.34 11.43 17.85
C VAL A 130 1.18 10.52 17.46
N SER A 131 1.04 9.39 18.15
CA SER A 131 -0.04 8.46 17.87
C SER A 131 -1.39 9.18 17.98
N VAL A 132 -2.32 8.81 17.11
CA VAL A 132 -3.65 9.38 17.14
C VAL A 132 -4.62 8.23 17.02
N GLY A 133 -5.90 8.49 17.24
CA GLY A 133 -6.87 7.42 17.15
C GLY A 133 -8.30 7.88 16.99
N THR A 134 -9.20 6.91 16.88
CA THR A 134 -10.62 7.18 16.74
C THR A 134 -11.33 6.45 17.87
N ILE A 135 -12.16 7.18 18.62
CA ILE A 135 -12.89 6.60 19.74
C ILE A 135 -14.38 6.62 19.43
N PHE A 136 -15.08 5.56 19.80
CA PHE A 136 -16.51 5.50 19.51
C PHE A 136 -17.31 4.73 20.57
N GLY A 137 -18.57 5.10 20.71
CA GLY A 137 -19.46 4.47 21.66
C GLY A 137 -20.79 4.32 20.95
N ILE A 138 -21.38 3.14 21.03
CA ILE A 138 -22.64 2.86 20.36
C ILE A 138 -23.79 2.55 21.32
N TYR A 139 -24.89 3.28 21.15
CA TYR A 139 -26.07 3.10 21.98
C TYR A 139 -27.27 2.78 21.11
N ARG A 140 -28.27 2.15 21.70
CA ARG A 140 -29.49 1.83 21.00
C ARG A 140 -30.46 2.95 21.39
N LYS A 141 -31.13 3.55 20.41
CA LYS A 141 -32.08 4.62 20.69
C LYS A 141 -33.14 4.04 21.62
N LYS A 142 -33.31 4.59 22.82
CA LYS A 142 -34.30 4.04 23.73
C LYS A 142 -35.61 4.81 23.82
N SER A 143 -35.84 5.70 22.85
CA SER A 143 -37.07 6.48 22.81
C SER A 143 -37.83 6.16 21.55
N THR A 144 -39.13 6.43 21.56
CA THR A 144 -40.00 6.16 20.42
C THR A 144 -40.21 7.42 19.56
N ASP A 145 -40.09 8.59 20.21
CA ASP A 145 -40.28 9.88 19.55
C ASP A 145 -39.19 10.22 18.53
N GLU A 146 -39.17 11.48 18.06
CA GLU A 146 -38.23 11.89 17.03
C GLU A 146 -36.80 12.01 17.53
N PRO A 147 -35.85 11.40 16.79
CA PRO A 147 -34.45 11.46 17.19
C PRO A 147 -33.96 12.89 17.45
N SER A 148 -33.26 13.06 18.56
CA SER A 148 -32.72 14.35 18.96
C SER A 148 -31.48 14.15 19.79
N GLU A 149 -30.84 15.26 20.17
CA GLU A 149 -29.63 15.23 20.98
C GLU A 149 -29.85 14.45 22.27
N LYS A 150 -31.09 14.46 22.73
CA LYS A 150 -31.48 13.79 23.96
C LYS A 150 -31.16 12.28 23.95
N ASP A 151 -31.20 11.65 22.78
CA ASP A 151 -30.94 10.22 22.70
C ASP A 151 -29.48 9.84 22.92
N ALA A 152 -28.59 10.83 22.93
CA ALA A 152 -27.16 10.59 23.16
C ALA A 152 -26.82 10.86 24.62
N LEU A 153 -27.82 11.23 25.40
CA LEU A 153 -27.62 11.51 26.83
C LEU A 153 -27.91 10.29 27.68
N GLN A 154 -27.24 9.19 27.40
CA GLN A 154 -27.43 7.96 28.16
C GLN A 154 -26.16 7.66 28.92
N PRO A 155 -26.29 7.04 30.10
CA PRO A 155 -25.10 6.70 30.88
C PRO A 155 -24.33 5.61 30.15
N GLY A 156 -23.01 5.64 30.22
CA GLY A 156 -22.18 4.65 29.55
C GLY A 156 -22.60 3.22 29.86
N ARG A 157 -23.33 3.05 30.95
CA ARG A 157 -23.79 1.73 31.38
C ARG A 157 -24.67 1.09 30.30
N ASN A 158 -25.31 1.93 29.50
CA ASN A 158 -26.21 1.46 28.43
C ASN A 158 -25.50 1.08 27.12
N LEU A 159 -24.19 1.29 27.05
CA LEU A 159 -23.45 0.96 25.83
C LEU A 159 -23.67 -0.47 25.33
N VAL A 160 -23.83 -0.60 24.03
CA VAL A 160 -24.03 -1.89 23.38
C VAL A 160 -22.68 -2.36 22.86
N ALA A 161 -21.83 -1.40 22.53
CA ALA A 161 -20.51 -1.66 22.01
C ALA A 161 -19.71 -0.37 22.02
N ALA A 162 -18.39 -0.52 22.13
CA ALA A 162 -17.50 0.63 22.18
C ALA A 162 -16.09 0.17 21.87
N GLY A 163 -15.22 1.13 21.59
CA GLY A 163 -13.86 0.79 21.29
C GLY A 163 -13.12 1.94 20.67
N TYR A 164 -11.99 1.66 20.06
CA TYR A 164 -11.18 2.69 19.44
C TYR A 164 -10.24 2.09 18.43
N ALA A 165 -9.68 2.96 17.60
CA ALA A 165 -8.71 2.55 16.61
C ALA A 165 -7.47 3.35 16.97
N LEU A 166 -6.32 2.69 17.09
CA LEU A 166 -5.10 3.38 17.41
C LEU A 166 -4.23 3.41 16.16
N TYR A 167 -3.82 4.60 15.76
CA TYR A 167 -2.98 4.78 14.59
C TYR A 167 -1.57 5.04 15.09
N GLY A 168 -0.92 3.99 15.59
CA GLY A 168 0.43 4.14 16.10
C GLY A 168 1.47 3.50 15.20
N SER A 169 2.41 2.76 15.79
CA SER A 169 3.44 2.09 14.99
C SER A 169 2.70 1.28 13.94
N ALA A 170 1.57 0.73 14.33
CA ALA A 170 0.72 -0.03 13.43
C ALA A 170 -0.71 0.36 13.82
N THR A 171 -1.68 0.00 12.98
CA THR A 171 -3.05 0.35 13.30
C THR A 171 -3.81 -0.82 13.88
N MET A 172 -4.45 -0.58 15.02
CA MET A 172 -5.22 -1.60 15.70
C MET A 172 -6.59 -1.10 16.11
N LEU A 173 -7.57 -1.98 16.02
CA LEU A 173 -8.93 -1.65 16.40
C LEU A 173 -9.29 -2.50 17.62
N VAL A 174 -9.62 -1.84 18.73
CA VAL A 174 -10.01 -2.53 19.95
C VAL A 174 -11.53 -2.41 20.04
N LEU A 175 -12.21 -3.54 20.04
CA LEU A 175 -13.67 -3.57 20.09
C LEU A 175 -14.17 -4.28 21.34
N ALA A 176 -14.96 -3.56 22.13
CA ALA A 176 -15.52 -4.11 23.35
C ALA A 176 -17.03 -4.26 23.26
N MET A 177 -17.51 -5.41 23.71
CA MET A 177 -18.94 -5.70 23.73
C MET A 177 -19.18 -6.59 24.96
N ASP A 178 -20.41 -7.03 25.15
CA ASP A 178 -20.73 -7.91 26.28
C ASP A 178 -19.82 -9.13 26.33
N CYS A 179 -19.50 -9.69 25.17
CA CYS A 179 -18.66 -10.88 25.06
C CYS A 179 -17.20 -10.65 25.45
N GLY A 180 -16.85 -9.38 25.68
CA GLY A 180 -15.47 -9.06 26.05
C GLY A 180 -14.77 -8.11 25.10
N VAL A 181 -13.45 -8.03 25.22
CA VAL A 181 -12.63 -7.15 24.42
C VAL A 181 -11.75 -7.92 23.42
N ASN A 182 -11.81 -7.53 22.15
CA ASN A 182 -11.00 -8.19 21.13
C ASN A 182 -10.19 -7.17 20.33
N CYS A 183 -8.93 -7.49 20.09
CA CYS A 183 -8.01 -6.61 19.38
C CYS A 183 -7.68 -7.08 17.97
N PHE A 184 -7.88 -6.20 16.98
CA PHE A 184 -7.63 -6.51 15.59
C PHE A 184 -6.53 -5.65 15.01
N MET A 185 -5.60 -6.28 14.30
CA MET A 185 -4.49 -5.57 13.68
C MET A 185 -4.80 -5.36 12.21
N LEU A 186 -4.62 -4.14 11.73
CA LEU A 186 -4.88 -3.84 10.33
C LEU A 186 -3.68 -4.23 9.47
N ASP A 187 -3.89 -5.15 8.53
CA ASP A 187 -2.81 -5.57 7.63
C ASP A 187 -2.97 -4.66 6.40
N PRO A 188 -2.08 -3.67 6.26
CA PRO A 188 -2.14 -2.74 5.13
C PRO A 188 -2.03 -3.35 3.73
N ALA A 189 -1.42 -4.53 3.61
CA ALA A 189 -1.27 -5.17 2.32
C ALA A 189 -2.61 -5.61 1.72
N ILE A 190 -3.57 -5.96 2.58
CA ILE A 190 -4.87 -6.42 2.08
C ILE A 190 -6.05 -5.66 2.66
N GLY A 191 -5.76 -4.63 3.44
CA GLY A 191 -6.81 -3.85 4.05
C GLY A 191 -7.78 -4.72 4.83
N GLU A 192 -7.25 -5.53 5.74
CA GLU A 192 -8.05 -6.41 6.57
C GLU A 192 -7.62 -6.34 8.04
N PHE A 193 -8.60 -6.30 8.93
CA PHE A 193 -8.32 -6.28 10.36
C PHE A 193 -8.25 -7.72 10.83
N ILE A 194 -7.06 -8.14 11.23
CA ILE A 194 -6.84 -9.51 11.69
C ILE A 194 -6.92 -9.60 13.22
N LEU A 195 -7.72 -10.54 13.71
CA LEU A 195 -7.87 -10.74 15.15
C LEU A 195 -6.56 -11.33 15.70
N VAL A 196 -5.90 -10.60 16.59
CA VAL A 196 -4.65 -11.07 17.17
C VAL A 196 -4.68 -11.27 18.69
N ASP A 197 -5.73 -10.78 19.34
CA ASP A 197 -5.89 -10.91 20.79
C ASP A 197 -7.34 -11.08 21.16
N LYS A 198 -7.69 -12.30 21.58
CA LYS A 198 -9.06 -12.64 21.96
C LYS A 198 -9.35 -12.48 23.44
N ASP A 199 -10.55 -12.02 23.75
CA ASP A 199 -11.01 -11.84 25.13
C ASP A 199 -9.89 -11.33 26.03
N VAL A 200 -9.40 -10.14 25.71
CA VAL A 200 -8.32 -9.54 26.47
C VAL A 200 -8.74 -9.07 27.86
N LYS A 201 -7.83 -9.28 28.82
CA LYS A 201 -8.06 -8.88 30.20
C LYS A 201 -6.84 -8.11 30.69
N ILE A 202 -7.07 -6.98 31.36
CA ILE A 202 -5.98 -6.15 31.85
C ILE A 202 -5.34 -6.76 33.09
N LYS A 203 -4.05 -6.52 33.28
CA LYS A 203 -3.35 -7.03 34.45
C LYS A 203 -4.01 -6.51 35.72
N LYS A 204 -4.00 -7.33 36.77
CA LYS A 204 -4.61 -6.96 38.03
C LYS A 204 -3.93 -5.71 38.61
N LYS A 205 -2.62 -5.63 38.50
CA LYS A 205 -1.87 -4.48 38.98
C LYS A 205 -0.69 -4.19 38.06
N GLY A 206 -0.48 -2.92 37.76
CA GLY A 206 0.62 -2.54 36.88
C GLY A 206 1.77 -1.85 37.56
N LYS A 207 2.71 -1.33 36.78
CA LYS A 207 3.89 -0.65 37.29
C LYS A 207 4.12 0.67 36.56
N ILE A 208 3.06 1.21 35.98
CA ILE A 208 3.16 2.47 35.24
C ILE A 208 1.99 3.40 35.54
N TYR A 209 2.29 4.67 35.78
CA TYR A 209 1.25 5.65 36.02
C TYR A 209 1.36 6.68 34.90
N SER A 210 0.22 7.17 34.42
CA SER A 210 0.21 8.11 33.31
C SER A 210 -0.71 9.31 33.54
N LEU A 211 -0.14 10.51 33.42
CA LEU A 211 -0.88 11.76 33.58
C LEU A 211 0.07 12.92 33.31
N ASN A 212 -0.48 14.09 32.99
CA ASN A 212 0.34 15.26 32.73
C ASN A 212 0.75 15.88 34.06
N GLU A 213 2.00 15.66 34.45
CA GLU A 213 2.52 16.19 35.71
C GLU A 213 2.80 17.68 35.67
N GLY A 214 2.67 18.28 34.49
CA GLY A 214 2.89 19.70 34.36
C GLY A 214 1.83 20.48 35.12
N TYR A 215 0.74 19.81 35.46
CA TYR A 215 -0.35 20.45 36.20
C TYR A 215 -0.21 20.23 37.70
N ALA A 216 0.94 19.71 38.12
CA ALA A 216 1.19 19.43 39.54
C ALA A 216 0.71 20.55 40.46
N LYS A 217 1.05 21.78 40.11
CA LYS A 217 0.69 22.96 40.88
C LYS A 217 -0.81 23.03 41.18
N ASP A 218 -1.64 22.60 40.24
CA ASP A 218 -3.07 22.65 40.42
C ASP A 218 -3.74 21.35 40.80
N PHE A 219 -2.94 20.32 41.07
CA PHE A 219 -3.48 19.02 41.44
C PHE A 219 -4.31 19.03 42.72
N ASP A 220 -5.28 18.14 42.77
CA ASP A 220 -6.12 17.97 43.94
C ASP A 220 -5.21 17.22 44.92
N PRO A 221 -5.34 17.49 46.22
CA PRO A 221 -4.50 16.82 47.23
C PRO A 221 -4.41 15.29 47.07
N ALA A 222 -5.53 14.65 46.77
CA ALA A 222 -5.54 13.19 46.61
C ALA A 222 -4.66 12.76 45.43
N VAL A 223 -4.72 13.50 44.33
CA VAL A 223 -3.92 13.17 43.16
C VAL A 223 -2.45 13.37 43.51
N THR A 224 -2.17 14.46 44.21
CA THR A 224 -0.80 14.78 44.62
C THR A 224 -0.22 13.68 45.50
N GLU A 225 -1.01 13.18 46.44
CA GLU A 225 -0.55 12.12 47.33
C GLU A 225 -0.39 10.80 46.58
N TYR A 226 -1.36 10.47 45.74
CA TYR A 226 -1.30 9.23 44.99
C TYR A 226 -0.03 9.14 44.14
N ILE A 227 0.24 10.18 43.36
CA ILE A 227 1.42 10.20 42.51
C ILE A 227 2.67 10.10 43.39
N GLN A 228 2.62 10.77 44.53
CA GLN A 228 3.72 10.75 45.48
C GLN A 228 4.01 9.31 45.91
N ARG A 229 2.96 8.51 46.06
CA ARG A 229 3.09 7.12 46.48
C ARG A 229 3.70 6.26 45.37
N LYS A 230 3.49 6.66 44.12
CA LYS A 230 4.02 5.92 42.99
C LYS A 230 5.52 6.16 42.83
N LYS A 231 5.95 7.37 43.15
CA LYS A 231 7.36 7.74 43.03
C LYS A 231 8.16 7.38 44.30
N PHE A 232 7.54 7.52 45.45
CA PHE A 232 8.18 7.19 46.73
C PHE A 232 7.32 6.19 47.49
N PRO A 233 7.35 4.92 47.07
CA PRO A 233 6.54 3.90 47.74
C PRO A 233 6.81 3.82 49.24
N PRO A 234 5.76 3.94 50.06
CA PRO A 234 5.85 3.89 51.52
C PRO A 234 6.56 2.64 52.02
N ASP A 235 6.15 1.47 51.52
CA ASP A 235 6.76 0.20 51.91
C ASP A 235 8.08 -0.01 51.16
N ASN A 236 8.58 1.06 50.58
CA ASN A 236 9.83 1.05 49.84
C ASN A 236 9.91 0.04 48.70
N SER A 237 8.77 -0.33 48.12
CA SER A 237 8.77 -1.26 46.99
C SER A 237 9.30 -0.48 45.80
N ALA A 238 9.41 -1.12 44.64
CA ALA A 238 9.93 -0.43 43.47
C ALA A 238 8.94 0.63 42.96
N PRO A 239 9.43 1.87 42.75
CA PRO A 239 8.53 2.92 42.26
C PRO A 239 8.05 2.65 40.84
N TYR A 240 6.84 3.11 40.54
CA TYR A 240 6.24 2.94 39.23
C TYR A 240 6.97 3.75 38.19
N GLY A 241 6.92 3.30 36.93
CA GLY A 241 7.54 4.03 35.85
C GLY A 241 6.50 5.01 35.33
N ALA A 242 6.93 6.09 34.68
CA ALA A 242 6.00 7.08 34.16
C ALA A 242 5.98 7.15 32.64
N ARG A 243 4.78 7.28 32.08
CA ARG A 243 4.60 7.39 30.64
C ARG A 243 3.44 8.33 30.38
N TYR A 244 3.62 9.28 29.48
CA TYR A 244 2.54 10.18 29.12
C TYR A 244 2.74 10.67 27.70
N VAL A 245 2.01 10.05 26.77
CA VAL A 245 2.09 10.39 25.36
C VAL A 245 1.37 11.69 25.06
N GLY A 246 0.22 11.91 25.71
CA GLY A 246 -0.53 13.12 25.47
C GLY A 246 -1.70 12.84 24.55
N SER A 247 -1.79 11.61 24.08
CA SER A 247 -2.87 11.16 23.20
C SER A 247 -3.61 10.11 24.02
N MET A 248 -4.89 10.35 24.30
CA MET A 248 -5.64 9.40 25.12
C MET A 248 -5.67 7.97 24.62
N VAL A 249 -5.90 7.78 23.32
CA VAL A 249 -5.95 6.42 22.78
C VAL A 249 -4.62 5.69 22.99
N ALA A 250 -3.52 6.40 22.81
CA ALA A 250 -2.20 5.79 23.00
C ALA A 250 -1.97 5.46 24.48
N ASP A 251 -2.23 6.41 25.37
CA ASP A 251 -2.03 6.17 26.79
C ASP A 251 -2.95 5.07 27.33
N VAL A 252 -4.20 5.08 26.90
CA VAL A 252 -5.16 4.09 27.36
C VAL A 252 -4.80 2.70 26.83
N HIS A 253 -4.38 2.62 25.57
CA HIS A 253 -4.02 1.33 25.01
C HIS A 253 -2.82 0.70 25.74
N ARG A 254 -1.83 1.52 26.07
CA ARG A 254 -0.65 1.04 26.77
C ARG A 254 -1.10 0.50 28.12
N THR A 255 -2.03 1.22 28.74
CA THR A 255 -2.56 0.83 30.03
C THR A 255 -3.22 -0.55 29.94
N LEU A 256 -4.01 -0.76 28.89
CA LEU A 256 -4.69 -2.04 28.68
C LEU A 256 -3.68 -3.16 28.44
N VAL A 257 -2.69 -2.91 27.60
CA VAL A 257 -1.67 -3.90 27.28
C VAL A 257 -0.65 -4.21 28.39
N TYR A 258 -0.11 -3.17 29.03
CA TYR A 258 0.87 -3.38 30.08
C TYR A 258 0.32 -3.26 31.48
N GLY A 259 -0.89 -2.74 31.61
CA GLY A 259 -1.48 -2.57 32.93
C GLY A 259 -1.02 -1.26 33.53
N GLY A 260 -1.54 -0.93 34.71
CA GLY A 260 -1.17 0.31 35.34
C GLY A 260 -2.35 1.24 35.49
N ILE A 261 -2.09 2.54 35.55
CA ILE A 261 -3.16 3.52 35.72
C ILE A 261 -3.00 4.77 34.87
N PHE A 262 -4.13 5.30 34.40
CA PHE A 262 -4.13 6.51 33.59
C PHE A 262 -5.02 7.56 34.26
N LEU A 263 -4.52 8.79 34.38
CA LEU A 263 -5.31 9.82 35.02
C LEU A 263 -5.39 11.16 34.30
N TYR A 264 -6.59 11.73 34.33
CA TYR A 264 -6.86 13.05 33.78
C TYR A 264 -7.94 13.56 34.72
N PRO A 265 -7.57 13.83 35.98
CA PRO A 265 -8.46 14.31 37.03
C PRO A 265 -8.87 15.76 36.94
N ALA A 266 -9.84 16.09 37.79
CA ALA A 266 -10.36 17.44 37.91
C ALA A 266 -9.38 18.15 38.83
N ASN A 267 -9.26 19.46 38.69
CA ASN A 267 -8.36 20.23 39.54
C ASN A 267 -8.95 21.58 39.92
N LYS A 268 -8.07 22.53 40.22
CA LYS A 268 -8.48 23.88 40.60
C LYS A 268 -9.22 24.57 39.45
N LYS A 269 -8.56 24.63 38.30
CA LYS A 269 -9.09 25.27 37.11
C LYS A 269 -10.19 24.47 36.38
N SER A 270 -10.18 23.14 36.54
CA SER A 270 -11.15 22.29 35.87
C SER A 270 -11.86 21.29 36.81
N PRO A 271 -12.91 21.76 37.49
CA PRO A 271 -13.70 20.95 38.42
C PRO A 271 -14.32 19.70 37.84
N ASN A 272 -14.61 19.70 36.53
CA ASN A 272 -15.22 18.53 35.90
C ASN A 272 -14.26 17.82 34.96
N GLY A 273 -12.98 18.13 35.09
CA GLY A 273 -12.00 17.50 34.24
C GLY A 273 -11.92 18.17 32.88
N LYS A 274 -11.13 17.59 31.98
CA LYS A 274 -10.98 18.16 30.64
C LYS A 274 -11.50 17.23 29.54
N LEU A 275 -11.34 15.93 29.73
CA LEU A 275 -11.80 14.98 28.74
C LEU A 275 -13.33 14.98 28.65
N ARG A 276 -13.85 14.67 27.45
CA ARG A 276 -15.28 14.64 27.19
C ARG A 276 -15.89 13.30 27.61
N LEU A 277 -17.03 13.36 28.29
CA LEU A 277 -17.70 12.14 28.76
C LEU A 277 -18.28 11.25 27.67
N LEU A 278 -19.02 11.81 26.74
CA LEU A 278 -19.67 11.02 25.71
C LEU A 278 -18.80 10.28 24.69
N TYR A 279 -17.74 10.91 24.19
CA TYR A 279 -16.92 10.27 23.17
C TYR A 279 -15.45 10.03 23.52
N GLU A 280 -15.08 10.23 24.78
CA GLU A 280 -13.72 9.99 25.22
C GLU A 280 -13.73 9.10 26.47
N CYS A 281 -14.37 9.59 27.52
CA CYS A 281 -14.44 8.87 28.79
C CYS A 281 -15.28 7.58 28.81
N ASN A 282 -16.53 7.67 28.42
CA ASN A 282 -17.40 6.50 28.41
C ASN A 282 -16.87 5.34 27.59
N PRO A 283 -16.47 5.60 26.33
CA PRO A 283 -15.97 4.49 25.51
C PRO A 283 -14.77 3.78 26.14
N MET A 284 -13.82 4.55 26.66
CA MET A 284 -12.64 3.97 27.26
C MET A 284 -12.97 3.28 28.58
N ALA A 285 -13.93 3.81 29.32
CA ALA A 285 -14.33 3.20 30.58
C ALA A 285 -15.00 1.86 30.31
N TYR A 286 -15.78 1.81 29.23
CA TYR A 286 -16.49 0.59 28.85
C TYR A 286 -15.49 -0.49 28.47
N VAL A 287 -14.46 -0.11 27.70
CA VAL A 287 -13.45 -1.08 27.28
C VAL A 287 -12.70 -1.59 28.50
N MET A 288 -12.43 -0.70 29.44
CA MET A 288 -11.72 -1.08 30.66
C MET A 288 -12.51 -2.06 31.49
N GLU A 289 -13.78 -1.77 31.75
CA GLU A 289 -14.59 -2.69 32.56
C GLU A 289 -14.73 -4.04 31.89
N LYS A 290 -14.93 -4.05 30.57
CA LYS A 290 -15.06 -5.32 29.87
C LYS A 290 -13.76 -6.14 29.92
N ALA A 291 -12.65 -5.44 30.16
CA ALA A 291 -11.34 -6.10 30.24
C ALA A 291 -10.96 -6.41 31.68
N GLY A 292 -11.90 -6.18 32.60
CA GLY A 292 -11.64 -6.45 34.00
C GLY A 292 -10.96 -5.29 34.71
N GLY A 293 -10.99 -4.11 34.09
CA GLY A 293 -10.38 -2.95 34.70
C GLY A 293 -11.41 -2.01 35.31
N MET A 294 -10.98 -0.83 35.73
CA MET A 294 -11.90 0.14 36.34
C MET A 294 -11.72 1.53 35.76
N ALA A 295 -12.77 2.34 35.90
CA ALA A 295 -12.77 3.71 35.41
C ALA A 295 -13.68 4.54 36.30
N THR A 296 -13.08 5.41 37.11
CA THR A 296 -13.84 6.26 38.02
C THR A 296 -13.56 7.74 37.82
N THR A 297 -14.49 8.58 38.27
CA THR A 297 -14.33 10.03 38.18
C THR A 297 -13.82 10.45 39.55
N GLY A 298 -13.79 9.49 40.47
CA GLY A 298 -13.34 9.76 41.82
C GLY A 298 -14.53 9.61 42.74
N LYS A 299 -15.68 10.10 42.28
CA LYS A 299 -16.92 10.04 43.04
C LYS A 299 -17.77 8.84 42.65
N GLU A 300 -17.69 8.44 41.39
CA GLU A 300 -18.47 7.30 40.90
C GLU A 300 -17.88 6.73 39.61
N ALA A 301 -18.40 5.58 39.20
CA ALA A 301 -17.94 4.94 37.99
C ALA A 301 -18.34 5.82 36.81
N VAL A 302 -17.40 6.07 35.91
CA VAL A 302 -17.64 6.89 34.72
C VAL A 302 -18.91 6.46 33.98
N LEU A 303 -19.09 5.15 33.84
CA LEU A 303 -20.25 4.57 33.16
C LEU A 303 -21.61 4.89 33.81
N ASP A 304 -21.61 5.27 35.08
CA ASP A 304 -22.87 5.58 35.77
C ASP A 304 -23.25 7.06 35.76
N VAL A 305 -22.35 7.91 35.26
CA VAL A 305 -22.65 9.33 35.21
C VAL A 305 -23.74 9.57 34.18
N ILE A 306 -24.78 10.31 34.57
CA ILE A 306 -25.88 10.62 33.67
C ILE A 306 -25.63 12.00 33.06
N PRO A 307 -25.27 12.03 31.76
CA PRO A 307 -25.01 13.32 31.10
C PRO A 307 -26.24 14.19 30.86
N THR A 308 -26.02 15.49 30.83
CA THR A 308 -27.09 16.46 30.56
C THR A 308 -26.69 17.33 29.36
N ASP A 309 -25.43 17.22 28.94
CA ASP A 309 -24.89 17.98 27.81
C ASP A 309 -23.96 17.05 27.02
N ILE A 310 -24.17 16.93 25.71
CA ILE A 310 -23.37 16.05 24.89
C ILE A 310 -21.87 16.31 24.87
N HIS A 311 -21.45 17.51 25.24
CA HIS A 311 -20.04 17.83 25.26
C HIS A 311 -19.51 18.09 26.65
N GLN A 312 -20.24 17.63 27.67
CA GLN A 312 -19.81 17.87 29.03
C GLN A 312 -18.53 17.08 29.33
N ARG A 313 -17.68 17.68 30.15
CA ARG A 313 -16.41 17.08 30.51
C ARG A 313 -16.61 16.16 31.72
N ALA A 314 -15.62 15.33 31.99
CA ALA A 314 -15.69 14.41 33.10
C ALA A 314 -14.29 14.00 33.53
N PRO A 315 -14.03 14.01 34.85
CA PRO A 315 -12.71 13.62 35.33
C PRO A 315 -12.63 12.11 35.14
N VAL A 316 -11.42 11.58 34.97
CA VAL A 316 -11.28 10.14 34.76
C VAL A 316 -9.96 9.54 35.26
N ILE A 317 -10.09 8.41 35.95
CA ILE A 317 -8.94 7.66 36.48
C ILE A 317 -9.28 6.22 36.12
N LEU A 318 -8.47 5.60 35.26
CA LEU A 318 -8.74 4.24 34.83
C LEU A 318 -7.50 3.36 34.73
N GLY A 319 -7.72 2.06 34.54
CA GLY A 319 -6.62 1.13 34.43
C GLY A 319 -6.80 -0.11 35.29
N SER A 320 -5.69 -0.73 35.67
CA SER A 320 -5.72 -1.92 36.50
C SER A 320 -6.54 -1.68 37.76
N PRO A 321 -7.40 -2.65 38.13
CA PRO A 321 -8.27 -2.56 39.32
C PRO A 321 -7.52 -2.20 40.60
N ASP A 322 -6.49 -2.98 40.94
CA ASP A 322 -5.73 -2.70 42.14
C ASP A 322 -5.20 -1.28 42.17
N ASP A 323 -4.82 -0.76 41.01
CA ASP A 323 -4.29 0.59 40.94
C ASP A 323 -5.36 1.64 41.09
N VAL A 324 -6.53 1.41 40.51
CA VAL A 324 -7.62 2.37 40.63
C VAL A 324 -8.15 2.32 42.07
N LEU A 325 -8.31 1.12 42.61
CA LEU A 325 -8.79 0.98 43.99
C LEU A 325 -7.87 1.75 44.91
N GLU A 326 -6.57 1.64 44.68
CA GLU A 326 -5.61 2.34 45.53
C GLU A 326 -5.81 3.85 45.41
N PHE A 327 -6.09 4.33 44.21
CA PHE A 327 -6.31 5.76 44.04
C PHE A 327 -7.55 6.16 44.83
N LEU A 328 -8.62 5.40 44.69
CA LEU A 328 -9.86 5.69 45.38
C LEU A 328 -9.65 5.72 46.88
N LYS A 329 -8.71 4.91 47.38
CA LYS A 329 -8.42 4.88 48.81
C LYS A 329 -7.88 6.25 49.20
N VAL A 330 -6.91 6.74 48.44
CA VAL A 330 -6.32 8.04 48.73
C VAL A 330 -7.40 9.12 48.57
N TYR A 331 -8.21 9.00 47.52
CA TYR A 331 -9.25 9.97 47.26
C TYR A 331 -10.23 10.06 48.43
N GLU A 332 -10.61 8.91 48.96
CA GLU A 332 -11.54 8.86 50.08
C GLU A 332 -10.94 9.47 51.34
N LYS A 333 -9.62 9.32 51.51
CA LYS A 333 -8.94 9.88 52.67
C LYS A 333 -9.01 11.41 52.68
N HIS A 334 -9.08 12.00 51.48
CA HIS A 334 -9.15 13.44 51.34
C HIS A 334 -10.57 13.95 51.16
N SER A 335 -11.54 13.04 51.28
CA SER A 335 -12.94 13.41 51.12
C SER A 335 -13.63 13.60 52.48
N ASP B 9 8.23 23.19 -6.46
CA ASP B 9 9.05 22.11 -7.06
C ASP B 9 9.29 20.99 -6.03
N VAL B 10 8.62 19.87 -6.23
CA VAL B 10 8.77 18.74 -5.32
C VAL B 10 10.22 18.27 -5.26
N ASN B 11 10.58 17.70 -4.13
CA ASN B 11 11.93 17.18 -3.94
C ASN B 11 11.76 15.89 -3.16
N THR B 12 12.59 14.90 -3.48
CA THR B 12 12.53 13.62 -2.82
C THR B 12 13.86 13.40 -2.11
N LEU B 13 13.90 12.44 -1.19
CA LEU B 13 15.11 12.14 -0.47
C LEU B 13 16.21 11.74 -1.47
N THR B 14 15.84 10.92 -2.45
CA THR B 14 16.77 10.46 -3.48
C THR B 14 17.38 11.65 -4.24
N ARG B 15 16.50 12.52 -4.73
CA ARG B 15 16.91 13.69 -5.48
C ARG B 15 17.82 14.59 -4.63
N PHE B 16 17.38 14.88 -3.41
CA PHE B 16 18.11 15.72 -2.47
C PHE B 16 19.52 15.18 -2.23
N VAL B 17 19.58 13.91 -1.83
CA VAL B 17 20.84 13.23 -1.55
C VAL B 17 21.76 13.23 -2.75
N MET B 18 21.23 12.93 -3.92
CA MET B 18 22.04 12.91 -5.14
C MET B 18 22.61 14.29 -5.45
N GLU B 19 21.84 15.35 -5.18
CA GLU B 19 22.30 16.69 -5.49
C GLU B 19 23.40 17.15 -4.53
N GLU B 20 23.20 16.91 -3.24
CA GLU B 20 24.22 17.29 -2.26
C GLU B 20 25.49 16.52 -2.55
N GLY B 21 25.36 15.28 -3.00
CA GLY B 21 26.51 14.47 -3.31
C GLY B 21 27.26 15.01 -4.51
N ARG B 22 26.52 15.51 -5.49
CA ARG B 22 27.13 16.07 -6.69
C ARG B 22 27.94 17.31 -6.33
N LYS B 23 27.39 18.14 -5.44
CA LYS B 23 28.07 19.34 -5.04
C LYS B 23 29.35 19.05 -4.25
N ALA B 24 29.36 17.95 -3.52
CA ALA B 24 30.53 17.58 -2.72
C ALA B 24 31.69 17.11 -3.60
N ARG B 25 31.38 16.77 -4.85
CA ARG B 25 32.38 16.32 -5.82
C ARG B 25 33.27 15.20 -5.27
N GLY B 26 32.66 14.16 -4.72
CA GLY B 26 33.41 13.05 -4.17
C GLY B 26 33.31 11.80 -5.03
N THR B 27 33.36 10.63 -4.40
CA THR B 27 33.29 9.36 -5.12
C THR B 27 31.87 8.86 -5.30
N GLY B 28 30.93 9.47 -4.58
CA GLY B 28 29.53 9.06 -4.67
C GLY B 28 29.16 8.00 -3.66
N GLU B 29 30.11 7.59 -2.84
CA GLU B 29 29.88 6.56 -1.82
C GLU B 29 28.77 6.92 -0.83
N LEU B 30 28.87 8.10 -0.22
CA LEU B 30 27.86 8.50 0.76
C LEU B 30 26.47 8.53 0.13
N THR B 31 26.42 8.84 -1.16
CA THR B 31 25.14 8.86 -1.86
C THR B 31 24.56 7.44 -1.86
N GLN B 32 25.42 6.48 -2.20
CA GLN B 32 25.03 5.07 -2.27
C GLN B 32 24.65 4.55 -0.88
N LEU B 33 25.36 5.02 0.14
CA LEU B 33 25.09 4.61 1.50
C LEU B 33 23.72 5.13 1.94
N LEU B 34 23.48 6.41 1.68
CA LEU B 34 22.21 7.02 2.05
C LEU B 34 21.02 6.41 1.31
N ASN B 35 21.22 6.12 0.03
CA ASN B 35 20.16 5.52 -0.77
C ASN B 35 19.81 4.16 -0.19
N SER B 36 20.84 3.41 0.19
CA SER B 36 20.65 2.09 0.75
C SER B 36 19.94 2.16 2.09
N LEU B 37 20.31 3.16 2.88
CA LEU B 37 19.70 3.35 4.18
C LEU B 37 18.22 3.70 3.97
N CYS B 38 17.96 4.55 2.98
CA CYS B 38 16.60 4.95 2.67
C CYS B 38 15.73 3.72 2.34
N THR B 39 16.26 2.84 1.48
CA THR B 39 15.55 1.64 1.10
C THR B 39 15.29 0.75 2.33
N ALA B 40 16.28 0.62 3.20
CA ALA B 40 16.11 -0.18 4.40
C ALA B 40 15.01 0.39 5.30
N VAL B 41 14.95 1.71 5.42
CA VAL B 41 13.94 2.35 6.27
C VAL B 41 12.52 2.08 5.75
N LYS B 42 12.32 2.16 4.43
CA LYS B 42 11.01 1.90 3.87
C LYS B 42 10.60 0.45 4.16
N ALA B 43 11.57 -0.46 4.10
CA ALA B 43 11.29 -1.87 4.37
C ALA B 43 10.95 -2.07 5.85
N ILE B 44 11.66 -1.35 6.72
CA ILE B 44 11.38 -1.47 8.14
C ILE B 44 9.99 -0.91 8.42
N SER B 45 9.69 0.23 7.82
CA SER B 45 8.39 0.87 8.00
C SER B 45 7.27 -0.09 7.58
N SER B 46 7.43 -0.72 6.43
CA SER B 46 6.43 -1.66 5.96
C SER B 46 6.21 -2.78 6.99
N ALA B 47 7.29 -3.31 7.56
CA ALA B 47 7.15 -4.38 8.54
C ALA B 47 6.57 -3.86 9.85
N VAL B 48 6.92 -2.64 10.24
CA VAL B 48 6.40 -2.08 11.47
C VAL B 48 4.89 -1.85 11.35
N ARG B 49 4.42 -1.41 10.20
CA ARG B 49 2.98 -1.19 10.02
C ARG B 49 2.26 -2.55 9.87
N LYS B 50 3.01 -3.64 10.05
CA LYS B 50 2.47 -4.99 9.99
C LYS B 50 1.95 -5.53 8.67
N ALA B 51 2.60 -5.15 7.58
CA ALA B 51 2.19 -5.64 6.27
C ALA B 51 2.35 -7.17 6.28
N GLY B 52 1.35 -7.88 5.78
CA GLY B 52 1.41 -9.33 5.73
C GLY B 52 1.21 -10.09 7.03
N ILE B 53 0.83 -9.38 8.10
CA ILE B 53 0.63 -10.04 9.37
C ILE B 53 -0.46 -11.12 9.24
N ALA B 54 -1.32 -10.97 8.24
CA ALA B 54 -2.39 -11.94 8.00
C ALA B 54 -1.84 -13.33 7.73
N HIS B 55 -0.70 -13.41 7.05
CA HIS B 55 -0.06 -14.70 6.73
C HIS B 55 0.46 -15.35 8.00
N LEU B 56 0.86 -14.52 8.96
CA LEU B 56 1.36 -15.01 10.22
C LEU B 56 0.21 -15.65 11.00
N TYR B 57 -1.02 -15.23 10.72
CA TYR B 57 -2.15 -15.79 11.44
C TYR B 57 -2.99 -16.82 10.70
N GLY B 58 -2.41 -17.41 9.66
CA GLY B 58 -3.08 -18.46 8.92
C GLY B 58 -4.07 -18.14 7.81
N ILE B 59 -3.98 -16.97 7.20
CA ILE B 59 -4.92 -16.64 6.14
C ILE B 59 -4.79 -17.66 5.00
N ALA B 60 -3.59 -18.19 4.81
CA ALA B 60 -3.34 -19.17 3.77
C ALA B 60 -3.21 -20.59 4.32
N GLY B 61 -3.65 -20.80 5.56
CA GLY B 61 -3.56 -22.11 6.18
C GLY B 61 -2.30 -22.34 6.99
N LYS B 71 10.85 -13.69 11.61
CA LYS B 71 11.71 -13.33 12.72
C LYS B 71 11.18 -12.09 13.44
N LYS B 72 11.71 -11.82 14.63
CA LYS B 72 11.33 -10.66 15.43
C LYS B 72 11.59 -9.39 14.63
N LEU B 73 10.77 -8.37 14.85
CA LEU B 73 10.89 -7.12 14.13
C LEU B 73 12.27 -6.45 14.32
N ASP B 74 12.81 -6.47 15.53
CA ASP B 74 14.12 -5.86 15.74
C ASP B 74 15.21 -6.59 15.00
N VAL B 75 15.12 -7.92 14.93
CA VAL B 75 16.11 -8.73 14.23
C VAL B 75 15.99 -8.45 12.73
N LEU B 76 14.77 -8.41 12.23
CA LEU B 76 14.54 -8.15 10.82
C LEU B 76 15.08 -6.77 10.46
N SER B 77 14.77 -5.79 11.29
CA SER B 77 15.21 -4.42 11.06
C SER B 77 16.72 -4.38 11.01
N ASN B 78 17.36 -5.08 11.94
CA ASN B 78 18.81 -5.11 12.00
C ASN B 78 19.37 -5.74 10.72
N ASP B 79 18.73 -6.82 10.27
CA ASP B 79 19.18 -7.49 9.06
C ASP B 79 19.05 -6.57 7.84
N LEU B 80 17.91 -5.88 7.74
CA LEU B 80 17.69 -4.97 6.61
C LEU B 80 18.77 -3.91 6.52
N VAL B 81 19.04 -3.21 7.63
CA VAL B 81 20.06 -2.17 7.62
C VAL B 81 21.43 -2.77 7.31
N MET B 82 21.79 -3.83 8.02
CA MET B 82 23.08 -4.50 7.82
C MET B 82 23.29 -4.88 6.37
N ASN B 83 22.33 -5.59 5.80
CA ASN B 83 22.46 -6.01 4.42
C ASN B 83 22.49 -4.87 3.40
N MET B 84 21.63 -3.87 3.57
CA MET B 84 21.62 -2.73 2.64
C MET B 84 22.93 -1.96 2.72
N LEU B 85 23.43 -1.73 3.92
CA LEU B 85 24.68 -0.99 4.09
C LEU B 85 25.86 -1.76 3.53
N LYS B 86 25.96 -3.05 3.84
CA LYS B 86 27.06 -3.85 3.33
C LYS B 86 27.04 -3.82 1.79
N SER B 87 25.88 -4.09 1.21
CA SER B 87 25.73 -4.14 -0.24
C SER B 87 25.90 -2.78 -0.94
N SER B 88 26.03 -1.71 -0.16
CA SER B 88 26.19 -0.39 -0.73
C SER B 88 27.64 -0.16 -1.16
N PHE B 89 28.56 -0.97 -0.63
CA PHE B 89 29.99 -0.84 -0.91
C PHE B 89 30.55 0.48 -0.40
N ALA B 90 29.81 1.13 0.50
CA ALA B 90 30.25 2.42 1.04
C ALA B 90 30.70 2.37 2.51
N THR B 91 30.58 1.22 3.15
CA THR B 91 30.96 1.11 4.56
C THR B 91 32.03 0.05 4.84
N CYS B 92 32.60 0.11 6.04
CA CYS B 92 33.65 -0.83 6.43
C CYS B 92 33.46 -1.34 7.86
N VAL B 93 32.87 -0.51 8.71
CA VAL B 93 32.62 -0.85 10.10
C VAL B 93 31.19 -0.50 10.44
N LEU B 94 30.45 -1.47 10.99
CA LEU B 94 29.05 -1.24 11.35
C LEU B 94 28.78 -1.58 12.81
N VAL B 95 28.30 -0.61 13.55
CA VAL B 95 27.98 -0.82 14.96
C VAL B 95 26.47 -0.72 15.14
N SER B 96 25.88 -1.77 15.70
CA SER B 96 24.44 -1.81 15.93
C SER B 96 24.15 -2.19 17.38
N GLU B 97 23.06 -1.66 17.92
CA GLU B 97 22.73 -1.96 19.30
C GLU B 97 22.36 -3.44 19.44
N GLU B 98 22.16 -4.08 18.30
CA GLU B 98 21.78 -5.48 18.25
C GLU B 98 22.94 -6.47 18.28
N ASP B 99 24.16 -5.99 18.03
CA ASP B 99 25.31 -6.88 18.02
C ASP B 99 26.38 -6.44 19.01
N LYS B 100 26.79 -7.38 19.87
CA LYS B 100 27.79 -7.08 20.89
C LYS B 100 29.10 -6.53 20.33
N HIS B 101 29.55 -7.07 19.21
CA HIS B 101 30.78 -6.63 18.59
C HIS B 101 30.51 -5.85 17.32
N ALA B 102 31.43 -4.96 16.96
CA ALA B 102 31.27 -4.18 15.75
C ALA B 102 31.37 -5.16 14.59
N ILE B 103 30.52 -4.98 13.57
CA ILE B 103 30.57 -5.86 12.40
C ILE B 103 31.59 -5.27 11.44
N ILE B 104 32.42 -6.13 10.87
CA ILE B 104 33.44 -5.71 9.93
C ILE B 104 33.00 -6.20 8.55
N VAL B 105 32.82 -5.27 7.62
CA VAL B 105 32.39 -5.61 6.28
C VAL B 105 33.49 -6.37 5.55
N GLU B 106 33.12 -7.41 4.82
CA GLU B 106 34.12 -8.19 4.11
C GLU B 106 34.84 -7.29 3.12
N PRO B 107 36.13 -7.55 2.90
CA PRO B 107 36.98 -6.78 1.97
C PRO B 107 36.37 -6.36 0.64
N GLU B 108 35.73 -7.29 -0.05
CA GLU B 108 35.14 -7.00 -1.36
C GLU B 108 33.94 -6.06 -1.38
N LYS B 109 33.46 -5.65 -0.21
CA LYS B 109 32.31 -4.74 -0.15
C LYS B 109 32.62 -3.51 0.69
N ARG B 110 33.88 -3.32 1.06
CA ARG B 110 34.28 -2.19 1.89
C ARG B 110 34.27 -0.81 1.26
N GLY B 111 33.71 0.13 2.01
CA GLY B 111 33.65 1.52 1.59
C GLY B 111 34.37 2.29 2.69
N LYS B 112 34.42 3.61 2.59
CA LYS B 112 35.12 4.41 3.58
C LYS B 112 34.31 4.91 4.77
N TYR B 113 33.05 4.53 4.87
CA TYR B 113 32.21 4.99 5.97
C TYR B 113 31.95 4.01 7.10
N VAL B 114 31.75 4.57 8.28
CA VAL B 114 31.45 3.82 9.49
C VAL B 114 30.06 4.23 9.91
N VAL B 115 29.21 3.25 10.20
CA VAL B 115 27.85 3.57 10.60
C VAL B 115 27.44 2.93 11.92
N CYS B 116 26.94 3.76 12.83
CA CYS B 116 26.48 3.31 14.13
C CYS B 116 24.98 3.51 14.08
N PHE B 117 24.22 2.49 14.46
CA PHE B 117 22.77 2.63 14.41
C PHE B 117 21.98 1.75 15.37
N ASP B 118 20.73 2.14 15.59
CA ASP B 118 19.81 1.38 16.41
C ASP B 118 18.70 1.08 15.42
N PRO B 119 18.64 -0.16 14.93
CA PRO B 119 17.66 -0.67 13.96
C PRO B 119 16.21 -0.34 14.27
N LEU B 120 15.80 -0.59 15.51
CA LEU B 120 14.42 -0.33 15.90
C LEU B 120 14.33 0.12 17.35
N ASP B 121 14.59 1.41 17.56
CA ASP B 121 14.55 2.02 18.88
C ASP B 121 13.16 1.99 19.50
N GLY B 122 13.09 1.50 20.74
CA GLY B 122 11.82 1.43 21.43
C GLY B 122 11.04 0.17 21.14
N SER B 123 11.69 -0.79 20.47
CA SER B 123 11.04 -2.05 20.11
C SER B 123 10.80 -2.98 21.31
N SER B 124 11.11 -2.51 22.51
CA SER B 124 10.93 -3.33 23.69
C SER B 124 9.50 -3.18 24.22
N ASN B 125 8.94 -1.98 24.01
CA ASN B 125 7.59 -1.64 24.43
C ASN B 125 6.70 -1.62 23.19
N ILE B 126 7.16 -2.29 22.14
CA ILE B 126 6.47 -2.37 20.85
C ILE B 126 5.04 -2.92 20.93
N ASP B 127 4.81 -3.85 21.85
CA ASP B 127 3.51 -4.48 22.00
C ASP B 127 2.35 -3.50 22.22
N CYS B 128 2.65 -2.29 22.67
CA CYS B 128 1.59 -1.30 22.90
C CYS B 128 1.45 -0.37 21.69
N LEU B 129 2.14 -0.70 20.61
CA LEU B 129 2.12 0.08 19.37
C LEU B 129 2.69 1.48 19.53
N VAL B 130 3.55 1.66 20.51
CA VAL B 130 4.20 2.96 20.75
C VAL B 130 5.08 3.25 19.55
N SER B 131 5.28 4.53 19.25
CA SER B 131 6.13 4.90 18.13
C SER B 131 7.51 4.30 18.31
N VAL B 132 8.13 3.90 17.20
CA VAL B 132 9.46 3.34 17.22
C VAL B 132 10.23 4.02 16.10
N GLY B 133 11.54 3.83 16.06
CA GLY B 133 12.32 4.47 15.02
C GLY B 133 13.69 3.87 14.80
N THR B 134 14.41 4.42 13.82
CA THR B 134 15.75 3.97 13.49
C THR B 134 16.67 5.18 13.62
N ILE B 135 17.75 5.04 14.39
CA ILE B 135 18.69 6.13 14.59
C ILE B 135 20.02 5.74 13.96
N PHE B 136 20.68 6.69 13.32
CA PHE B 136 21.96 6.40 12.66
C PHE B 136 22.92 7.59 12.68
N GLY B 137 24.21 7.26 12.68
CA GLY B 137 25.26 8.25 12.67
C GLY B 137 26.31 7.76 11.70
N ILE B 138 26.78 8.65 10.82
CA ILE B 138 27.76 8.27 9.82
C ILE B 138 29.10 8.99 9.96
N TYR B 139 30.17 8.20 10.03
CA TYR B 139 31.52 8.74 10.15
C TYR B 139 32.37 8.30 8.96
N ARG B 140 33.43 9.05 8.71
CA ARG B 140 34.37 8.74 7.65
C ARG B 140 35.52 8.01 8.35
N LYS B 141 35.92 6.84 7.86
CA LYS B 141 37.02 6.12 8.50
C LYS B 141 38.23 7.04 8.48
N LYS B 142 38.77 7.32 9.65
CA LYS B 142 39.91 8.24 9.75
C LYS B 142 41.26 7.53 9.80
N SER B 143 41.28 6.22 9.62
CA SER B 143 42.54 5.48 9.68
C SER B 143 42.97 4.80 8.38
N THR B 144 44.24 4.41 8.34
CA THR B 144 44.81 3.76 7.16
C THR B 144 44.98 2.26 7.34
N ASP B 145 44.74 1.76 8.56
CA ASP B 145 44.89 0.33 8.83
C ASP B 145 43.63 -0.50 8.63
N GLU B 146 43.62 -1.72 9.16
CA GLU B 146 42.47 -2.61 9.00
C GLU B 146 41.28 -2.18 9.81
N PRO B 147 40.09 -2.15 9.18
CA PRO B 147 38.88 -1.75 9.89
C PRO B 147 38.66 -2.58 11.15
N SER B 148 38.31 -1.88 12.24
CA SER B 148 38.07 -2.53 13.53
C SER B 148 37.08 -1.71 14.31
N GLU B 149 36.71 -2.21 15.49
CA GLU B 149 35.78 -1.54 16.38
C GLU B 149 36.29 -0.14 16.71
N LYS B 150 37.62 0.02 16.71
CA LYS B 150 38.24 1.30 17.01
C LYS B 150 37.79 2.45 16.11
N ASP B 151 37.45 2.15 14.86
CA ASP B 151 37.01 3.18 13.92
C ASP B 151 35.66 3.80 14.27
N ALA B 152 34.92 3.15 15.17
CA ALA B 152 33.61 3.65 15.57
C ALA B 152 33.73 4.46 16.87
N LEU B 153 34.95 4.58 17.39
CA LEU B 153 35.15 5.33 18.62
C LEU B 153 35.59 6.76 18.35
N GLN B 154 34.76 7.49 17.62
CA GLN B 154 35.06 8.88 17.29
C GLN B 154 34.04 9.74 17.98
N PRO B 155 34.43 10.96 18.38
CA PRO B 155 33.47 11.85 19.04
C PRO B 155 32.43 12.29 18.02
N GLY B 156 31.19 12.47 18.47
CA GLY B 156 30.12 12.88 17.58
C GLY B 156 30.45 14.12 16.75
N ARG B 157 31.44 14.86 17.19
CA ARG B 157 31.88 16.07 16.49
C ARG B 157 32.35 15.75 15.08
N ASN B 158 32.80 14.51 14.87
CA ASN B 158 33.30 14.07 13.56
C ASN B 158 32.22 13.57 12.60
N LEU B 159 30.98 13.51 13.05
CA LEU B 159 29.89 13.05 12.19
C LEU B 159 29.80 13.79 10.87
N VAL B 160 29.57 13.03 9.79
CA VAL B 160 29.43 13.58 8.46
C VAL B 160 27.93 13.72 8.16
N ALA B 161 27.13 12.89 8.81
CA ALA B 161 25.70 12.91 8.63
C ALA B 161 25.06 12.04 9.71
N ALA B 162 23.84 12.39 10.08
CA ALA B 162 23.12 11.63 11.10
C ALA B 162 21.63 11.95 10.98
N GLY B 163 20.82 11.14 11.65
CA GLY B 163 19.40 11.36 11.59
C GLY B 163 18.64 10.18 12.14
N TYR B 164 17.35 10.15 11.84
CA TYR B 164 16.52 9.07 12.33
C TYR B 164 15.27 8.97 11.48
N ALA B 165 14.60 7.83 11.63
CA ALA B 165 13.35 7.58 10.94
C ALA B 165 12.34 7.36 12.06
N LEU B 166 11.23 8.10 12.03
CA LEU B 166 10.20 7.93 13.05
C LEU B 166 9.01 7.20 12.44
N TYR B 167 8.66 6.08 13.04
CA TYR B 167 7.53 5.29 12.58
C TYR B 167 6.36 5.60 13.50
N GLY B 168 5.78 6.79 13.36
CA GLY B 168 4.66 7.18 14.20
C GLY B 168 3.34 7.17 13.46
N SER B 169 2.53 8.21 13.64
CA SER B 169 1.25 8.31 12.95
C SER B 169 1.56 8.17 11.47
N ALA B 170 2.72 8.69 11.08
CA ALA B 170 3.20 8.59 9.70
C ALA B 170 4.71 8.35 9.81
N THR B 171 5.35 7.98 8.72
CA THR B 171 6.77 7.74 8.75
C THR B 171 7.54 8.94 8.19
N MET B 172 8.51 9.41 8.97
CA MET B 172 9.32 10.54 8.58
C MET B 172 10.79 10.28 8.81
N LEU B 173 11.62 10.75 7.88
CA LEU B 173 13.07 10.61 8.02
C LEU B 173 13.66 11.99 8.18
N VAL B 174 14.37 12.18 9.28
CA VAL B 174 15.02 13.44 9.56
C VAL B 174 16.49 13.23 9.28
N LEU B 175 17.04 14.00 8.34
CA LEU B 175 18.45 13.87 7.97
C LEU B 175 19.22 15.16 8.24
N ALA B 176 20.27 15.04 9.03
CA ALA B 176 21.09 16.20 9.36
C ALA B 176 22.50 16.06 8.77
N MET B 177 22.97 17.17 8.20
CA MET B 177 24.29 17.25 7.60
C MET B 177 24.76 18.67 7.83
N ASP B 178 25.96 18.98 7.32
CA ASP B 178 26.49 20.32 7.48
C ASP B 178 25.54 21.40 6.96
N CYS B 179 24.83 21.10 5.86
CA CYS B 179 23.91 22.07 5.29
C CYS B 179 22.64 22.27 6.11
N GLY B 180 22.50 21.52 7.20
CA GLY B 180 21.32 21.67 8.04
C GLY B 180 20.49 20.41 8.21
N VAL B 181 19.27 20.59 8.71
CA VAL B 181 18.34 19.49 8.95
C VAL B 181 17.14 19.52 8.01
N ASN B 182 16.87 18.42 7.34
CA ASN B 182 15.72 18.34 6.45
C ASN B 182 14.84 17.14 6.77
N CYS B 183 13.52 17.37 6.76
CA CYS B 183 12.54 16.35 7.09
C CYS B 183 11.76 15.82 5.88
N PHE B 184 11.78 14.50 5.72
CA PHE B 184 11.09 13.87 4.61
C PHE B 184 9.96 12.96 5.06
N MET B 185 8.80 13.11 4.43
CA MET B 185 7.65 12.28 4.78
C MET B 185 7.54 11.12 3.80
N LEU B 186 7.36 9.92 4.31
CA LEU B 186 7.22 8.74 3.44
C LEU B 186 5.79 8.64 2.90
N ASP B 187 5.64 8.67 1.59
CA ASP B 187 4.32 8.53 0.98
C ASP B 187 4.18 7.04 0.66
N PRO B 188 3.39 6.31 1.47
CA PRO B 188 3.17 4.87 1.31
C PRO B 188 2.65 4.45 -0.07
N ALA B 189 1.90 5.33 -0.73
CA ALA B 189 1.34 5.00 -2.06
C ALA B 189 2.40 4.78 -3.14
N ILE B 190 3.53 5.48 -3.04
CA ILE B 190 4.57 5.34 -4.05
C ILE B 190 5.93 5.01 -3.47
N GLY B 191 5.98 4.77 -2.15
CA GLY B 191 7.25 4.45 -1.51
C GLY B 191 8.31 5.49 -1.79
N GLU B 192 7.99 6.75 -1.53
CA GLU B 192 8.94 7.83 -1.77
C GLU B 192 8.93 8.81 -0.59
N PHE B 193 10.13 9.24 -0.20
CA PHE B 193 10.28 10.21 0.90
C PHE B 193 10.22 11.59 0.31
N ILE B 194 9.16 12.32 0.64
CA ILE B 194 8.95 13.65 0.12
C ILE B 194 9.44 14.71 1.12
N LEU B 195 10.24 15.65 0.61
CA LEU B 195 10.76 16.72 1.45
C LEU B 195 9.62 17.67 1.82
N VAL B 196 9.32 17.78 3.11
CA VAL B 196 8.25 18.65 3.56
C VAL B 196 8.70 19.80 4.48
N ASP B 197 9.94 19.72 4.95
CA ASP B 197 10.50 20.74 5.85
C ASP B 197 11.98 20.95 5.58
N LYS B 198 12.30 22.09 4.99
CA LYS B 198 13.68 22.43 4.64
C LYS B 198 14.39 23.26 5.70
N ASP B 199 15.67 22.95 5.90
CA ASP B 199 16.52 23.68 6.83
C ASP B 199 15.78 24.02 8.13
N VAL B 200 15.35 22.98 8.83
CA VAL B 200 14.60 23.09 10.07
C VAL B 200 15.44 23.65 11.22
N LYS B 201 14.83 24.53 12.00
CA LYS B 201 15.46 25.14 13.17
C LYS B 201 14.52 24.98 14.35
N ILE B 202 15.06 24.55 15.49
CA ILE B 202 14.23 24.36 16.67
C ILE B 202 13.95 25.72 17.34
N LYS B 203 12.80 25.80 17.99
CA LYS B 203 12.38 27.00 18.68
C LYS B 203 13.44 27.39 19.72
N LYS B 204 13.65 28.69 19.90
CA LYS B 204 14.63 29.20 20.87
C LYS B 204 14.31 28.71 22.28
N LYS B 205 13.02 28.71 22.63
CA LYS B 205 12.58 28.26 23.95
C LYS B 205 11.22 27.58 23.81
N GLY B 206 11.04 26.47 24.52
CA GLY B 206 9.79 25.73 24.45
C GLY B 206 8.96 25.80 25.72
N LYS B 207 7.91 24.99 25.76
CA LYS B 207 6.99 24.95 26.90
C LYS B 207 6.68 23.51 27.32
N ILE B 208 7.56 22.59 26.93
CA ILE B 208 7.39 21.19 27.26
C ILE B 208 8.69 20.56 27.76
N TYR B 209 8.60 19.79 28.84
CA TYR B 209 9.79 19.11 29.36
C TYR B 209 9.45 17.62 29.31
N SER B 210 10.44 16.80 28.96
CA SER B 210 10.23 15.37 28.81
C SER B 210 11.30 14.50 29.48
N LEU B 211 10.85 13.62 30.36
CA LEU B 211 11.71 12.68 31.07
C LEU B 211 10.84 11.74 31.92
N ASN B 212 11.40 10.59 32.30
CA ASN B 212 10.66 9.64 33.12
C ASN B 212 10.72 10.10 34.57
N GLU B 213 9.63 10.66 35.06
CA GLU B 213 9.57 11.16 36.44
C GLU B 213 9.44 10.03 37.46
N GLY B 214 9.29 8.81 36.98
CA GLY B 214 9.18 7.68 37.89
C GLY B 214 10.48 7.47 38.63
N TYR B 215 11.55 8.08 38.12
CA TYR B 215 12.87 7.98 38.73
C TYR B 215 13.14 9.13 39.69
N ALA B 216 12.12 9.93 39.97
CA ALA B 216 12.25 11.07 40.87
C ALA B 216 13.10 10.77 42.10
N LYS B 217 12.78 9.67 42.76
CA LYS B 217 13.50 9.24 43.97
C LYS B 217 15.03 9.21 43.79
N ASP B 218 15.50 8.81 42.61
CA ASP B 218 16.93 8.70 42.33
C ASP B 218 17.52 9.91 41.61
N PHE B 219 16.70 10.92 41.35
CA PHE B 219 17.20 12.08 40.62
C PHE B 219 18.37 12.80 41.29
N ASP B 220 19.21 13.39 40.46
CA ASP B 220 20.35 14.18 40.90
C ASP B 220 19.68 15.47 41.37
N PRO B 221 20.19 16.12 42.44
CA PRO B 221 19.58 17.36 42.91
C PRO B 221 19.33 18.43 41.86
N ALA B 222 20.24 18.57 40.90
CA ALA B 222 20.08 19.55 39.84
C ALA B 222 18.86 19.23 38.98
N VAL B 223 18.68 17.94 38.66
CA VAL B 223 17.53 17.53 37.85
C VAL B 223 16.26 17.78 38.65
N THR B 224 16.29 17.45 39.93
CA THR B 224 15.14 17.64 40.82
C THR B 224 14.73 19.11 40.84
N GLU B 225 15.70 20.01 40.98
CA GLU B 225 15.41 21.44 41.03
C GLU B 225 14.92 21.96 39.69
N TYR B 226 15.56 21.53 38.61
CA TYR B 226 15.16 21.98 37.28
C TYR B 226 13.70 21.64 36.98
N ILE B 227 13.33 20.38 37.20
CA ILE B 227 11.96 19.95 36.97
C ILE B 227 11.02 20.75 37.86
N GLN B 228 11.46 21.00 39.09
CA GLN B 228 10.68 21.76 40.05
C GLN B 228 10.40 23.17 39.49
N ARG B 229 11.35 23.74 38.77
CA ARG B 229 11.17 25.07 38.19
C ARG B 229 10.20 25.05 37.01
N LYS B 230 10.09 23.90 36.35
CA LYS B 230 9.18 23.77 35.21
C LYS B 230 7.73 23.65 35.70
N LYS B 231 7.55 23.03 36.86
CA LYS B 231 6.22 22.84 37.46
C LYS B 231 5.77 24.07 38.27
N PHE B 232 6.71 24.65 39.01
CA PHE B 232 6.43 25.83 39.83
C PHE B 232 7.39 26.95 39.42
N PRO B 233 7.11 27.62 38.28
CA PRO B 233 7.86 28.72 37.65
C PRO B 233 8.31 29.90 38.49
N PRO B 234 9.63 30.15 38.52
CA PRO B 234 10.29 31.23 39.27
C PRO B 234 9.83 32.63 38.89
N ASP B 235 9.60 32.86 37.61
CA ASP B 235 9.17 34.17 37.13
C ASP B 235 7.65 34.23 36.99
N ASN B 236 6.95 33.37 37.74
CA ASN B 236 5.50 33.29 37.73
C ASN B 236 4.91 33.04 36.34
N SER B 237 5.74 32.48 35.48
CA SER B 237 5.34 32.16 34.12
C SER B 237 4.51 30.87 34.17
N ALA B 238 3.73 30.61 33.12
CA ALA B 238 2.92 29.40 33.03
C ALA B 238 3.81 28.16 33.08
N PRO B 239 3.42 27.15 33.85
CA PRO B 239 4.18 25.90 33.98
C PRO B 239 4.26 25.14 32.65
N TYR B 240 5.38 24.47 32.42
CA TYR B 240 5.57 23.69 31.20
C TYR B 240 4.65 22.48 31.21
N GLY B 241 4.31 21.98 30.03
CA GLY B 241 3.48 20.80 29.96
C GLY B 241 4.42 19.60 29.93
N ALA B 242 3.94 18.43 30.31
CA ALA B 242 4.79 17.23 30.33
C ALA B 242 4.38 16.17 29.32
N ARG B 243 5.36 15.57 28.68
CA ARG B 243 5.12 14.51 27.71
C ARG B 243 6.27 13.54 27.78
N TYR B 244 5.96 12.25 27.85
CA TYR B 244 6.99 11.22 27.87
C TYR B 244 6.44 9.95 27.26
N VAL B 245 6.80 9.72 26.00
CA VAL B 245 6.35 8.56 25.26
C VAL B 245 7.09 7.30 25.69
N GLY B 246 8.37 7.43 25.97
CA GLY B 246 9.15 6.27 26.38
C GLY B 246 9.99 5.75 25.22
N SER B 247 9.81 6.34 24.05
CA SER B 247 10.58 5.98 22.85
C SER B 247 11.39 7.22 22.53
N MET B 248 12.72 7.09 22.53
CA MET B 248 13.56 8.24 22.27
C MET B 248 13.27 8.99 20.97
N VAL B 249 13.11 8.27 19.88
CA VAL B 249 12.88 8.91 18.60
C VAL B 249 11.61 9.75 18.63
N ALA B 250 10.57 9.24 19.28
CA ALA B 250 9.31 9.96 19.38
C ALA B 250 9.46 11.20 20.25
N ASP B 251 10.07 11.03 21.43
CA ASP B 251 10.26 12.16 22.33
C ASP B 251 11.17 13.23 21.72
N VAL B 252 12.26 12.79 21.09
CA VAL B 252 13.18 13.73 20.48
C VAL B 252 12.54 14.47 19.30
N HIS B 253 11.77 13.75 18.49
CA HIS B 253 11.13 14.39 17.35
C HIS B 253 10.15 15.46 17.77
N ARG B 254 9.37 15.17 18.82
CA ARG B 254 8.40 16.13 19.33
C ARG B 254 9.16 17.36 19.81
N THR B 255 10.30 17.14 20.45
CA THR B 255 11.14 18.23 20.95
C THR B 255 11.58 19.12 19.78
N LEU B 256 12.05 18.49 18.71
CA LEU B 256 12.49 19.21 17.52
C LEU B 256 11.35 20.03 16.90
N VAL B 257 10.19 19.42 16.76
CA VAL B 257 9.02 20.06 16.15
C VAL B 257 8.34 21.13 17.01
N TYR B 258 8.12 20.83 18.28
CA TYR B 258 7.45 21.76 19.18
C TYR B 258 8.38 22.54 20.09
N GLY B 259 9.63 22.11 20.19
CA GLY B 259 10.58 22.79 21.05
C GLY B 259 10.44 22.25 22.45
N GLY B 260 11.29 22.72 23.36
CA GLY B 260 11.25 22.25 24.72
C GLY B 260 12.52 21.51 25.09
N ILE B 261 12.42 20.59 26.05
CA ILE B 261 13.59 19.86 26.47
C ILE B 261 13.32 18.38 26.78
N PHE B 262 14.30 17.54 26.46
CA PHE B 262 14.20 16.10 26.71
C PHE B 262 15.36 15.67 27.63
N LEU B 263 15.05 14.89 28.65
CA LEU B 263 16.09 14.45 29.57
C LEU B 263 16.09 12.96 29.93
N TYR B 264 17.29 12.41 30.01
CA TYR B 264 17.50 11.05 30.47
C TYR B 264 18.88 11.15 31.12
N PRO B 265 18.92 11.80 32.29
CA PRO B 265 20.12 12.04 33.10
C PRO B 265 20.60 10.82 33.85
N ALA B 266 21.80 10.94 34.42
CA ALA B 266 22.38 9.86 35.20
C ALA B 266 21.96 10.05 36.65
N ASN B 267 21.35 9.03 37.25
CA ASN B 267 20.92 9.12 38.64
C ASN B 267 22.00 8.68 39.63
N LYS B 268 21.68 7.72 40.49
CA LYS B 268 22.66 7.27 41.48
C LYS B 268 23.21 5.88 41.13
N LYS B 269 22.45 5.11 40.37
CA LYS B 269 22.88 3.76 39.97
C LYS B 269 23.35 3.75 38.52
N SER B 270 22.93 4.75 37.76
CA SER B 270 23.32 4.88 36.36
C SER B 270 24.11 6.17 36.24
N PRO B 271 25.25 6.26 36.93
CA PRO B 271 26.08 7.47 36.88
C PRO B 271 26.41 7.91 35.46
N ASN B 272 26.26 6.98 34.51
CA ASN B 272 26.55 7.29 33.12
C ASN B 272 25.31 7.27 32.24
N GLY B 273 24.15 7.45 32.86
CA GLY B 273 22.91 7.46 32.12
C GLY B 273 22.51 6.10 31.61
N LYS B 274 21.45 6.04 30.82
CA LYS B 274 20.98 4.77 30.27
C LYS B 274 21.07 4.69 28.76
N LEU B 275 20.85 5.81 28.08
CA LEU B 275 20.90 5.81 26.63
C LEU B 275 22.33 5.59 26.13
N ARG B 276 22.45 4.99 24.96
CA ARG B 276 23.75 4.69 24.36
C ARG B 276 24.34 5.88 23.60
N LEU B 277 25.63 6.13 23.81
CA LEU B 277 26.28 7.26 23.15
C LEU B 277 26.43 7.16 21.63
N LEU B 278 26.94 6.04 21.14
CA LEU B 278 27.17 5.90 19.70
C LEU B 278 25.97 5.89 18.77
N TYR B 279 24.89 5.21 19.11
CA TYR B 279 23.76 5.15 18.20
C TYR B 279 22.44 5.72 18.69
N GLU B 280 22.47 6.43 19.81
CA GLU B 280 21.26 7.07 20.33
C GLU B 280 21.55 8.54 20.64
N CYS B 281 22.51 8.78 21.52
CA CYS B 281 22.87 10.13 21.92
C CYS B 281 23.56 11.01 20.88
N ASN B 282 24.66 10.54 20.31
CA ASN B 282 25.37 11.33 19.31
C ASN B 282 24.51 11.72 18.12
N PRO B 283 23.80 10.76 17.51
CA PRO B 283 22.96 11.11 16.35
C PRO B 283 21.94 12.20 16.67
N MET B 284 21.24 12.06 17.79
CA MET B 284 20.24 13.05 18.17
C MET B 284 20.88 14.38 18.56
N ALA B 285 22.06 14.33 19.15
CA ALA B 285 22.76 15.55 19.53
C ALA B 285 23.18 16.29 18.27
N TYR B 286 23.60 15.53 17.26
CA TYR B 286 24.03 16.11 15.99
C TYR B 286 22.88 16.80 15.28
N VAL B 287 21.72 16.16 15.29
CA VAL B 287 20.53 16.71 14.66
C VAL B 287 20.13 18.00 15.38
N MET B 288 20.22 17.97 16.71
CA MET B 288 19.86 19.13 17.50
C MET B 288 20.77 20.33 17.23
N GLU B 289 22.08 20.12 17.26
CA GLU B 289 22.98 21.24 17.01
C GLU B 289 22.82 21.80 15.60
N LYS B 290 22.60 20.92 14.62
CA LYS B 290 22.41 21.39 13.25
C LYS B 290 21.11 22.19 13.11
N ALA B 291 20.19 21.96 14.04
CA ALA B 291 18.91 22.65 14.03
C ALA B 291 18.93 23.87 14.94
N GLY B 292 20.10 24.18 15.49
CA GLY B 292 20.23 25.34 16.37
C GLY B 292 19.90 25.02 17.81
N GLY B 293 19.86 23.74 18.15
CA GLY B 293 19.56 23.33 19.51
C GLY B 293 20.80 22.89 20.26
N MET B 294 20.63 22.33 21.45
CA MET B 294 21.77 21.90 22.25
C MET B 294 21.58 20.48 22.78
N ALA B 295 22.70 19.84 23.12
CA ALA B 295 22.71 18.49 23.66
C ALA B 295 23.91 18.35 24.60
N THR B 296 23.63 18.26 25.89
CA THR B 296 24.67 18.16 26.91
C THR B 296 24.51 16.93 27.80
N THR B 297 25.61 16.52 28.41
CA THR B 297 25.59 15.38 29.32
C THR B 297 25.53 16.01 30.71
N GLY B 298 25.67 17.33 30.75
CA GLY B 298 25.66 18.05 32.00
C GLY B 298 27.04 18.62 32.23
N LYS B 299 28.05 17.82 31.90
CA LYS B 299 29.43 18.25 32.06
C LYS B 299 30.02 18.76 30.76
N GLU B 300 29.54 18.23 29.63
CA GLU B 300 30.05 18.64 28.34
C GLU B 300 29.05 18.35 27.22
N ALA B 301 29.32 18.88 26.04
CA ALA B 301 28.46 18.64 24.90
C ALA B 301 28.61 17.17 24.51
N VAL B 302 27.47 16.50 24.32
CA VAL B 302 27.43 15.10 23.95
C VAL B 302 28.38 14.77 22.80
N LEU B 303 28.40 15.65 21.79
CA LEU B 303 29.25 15.44 20.62
C LEU B 303 30.76 15.50 20.89
N ASP B 304 31.16 16.02 22.05
CA ASP B 304 32.58 16.12 22.38
C ASP B 304 33.10 14.96 23.22
N VAL B 305 32.19 14.10 23.67
CA VAL B 305 32.59 12.96 24.48
C VAL B 305 33.36 11.98 23.60
N ILE B 306 34.52 11.57 24.09
CA ILE B 306 35.37 10.61 23.39
C ILE B 306 35.05 9.22 23.91
N PRO B 307 34.38 8.40 23.10
CA PRO B 307 34.02 7.04 23.52
C PRO B 307 35.19 6.06 23.59
N THR B 308 35.09 5.09 24.50
CA THR B 308 36.11 4.06 24.68
C THR B 308 35.50 2.66 24.50
N ASP B 309 34.17 2.61 24.47
CA ASP B 309 33.42 1.38 24.28
C ASP B 309 32.22 1.69 23.39
N ILE B 310 32.03 0.89 22.35
CA ILE B 310 30.93 1.12 21.41
C ILE B 310 29.53 1.09 21.98
N HIS B 311 29.35 0.48 23.14
CA HIS B 311 28.03 0.42 23.76
C HIS B 311 27.96 1.21 25.05
N GLN B 312 28.92 2.11 25.26
CA GLN B 312 28.89 2.86 26.50
C GLN B 312 27.69 3.80 26.55
N ARG B 313 27.18 4.01 27.76
CA ARG B 313 26.03 4.87 27.95
C ARG B 313 26.48 6.30 28.18
N ALA B 314 25.53 7.23 28.08
CA ALA B 314 25.83 8.64 28.28
C ALA B 314 24.57 9.37 28.71
N PRO B 315 24.71 10.27 29.70
CA PRO B 315 23.53 11.02 30.14
C PRO B 315 23.25 12.03 29.04
N VAL B 316 22.00 12.47 28.90
CA VAL B 316 21.69 13.43 27.87
C VAL B 316 20.52 14.36 28.17
N ILE B 317 20.72 15.65 27.89
CA ILE B 317 19.72 16.69 28.09
C ILE B 317 19.80 17.50 26.78
N LEU B 318 18.71 17.50 26.01
CA LEU B 318 18.71 18.18 24.72
C LEU B 318 17.42 18.93 24.43
N GLY B 319 17.46 19.76 23.40
CA GLY B 319 16.29 20.52 23.01
C GLY B 319 16.59 21.99 22.75
N SER B 320 15.58 22.84 22.91
CA SER B 320 15.73 24.28 22.71
C SER B 320 16.90 24.83 23.53
N PRO B 321 17.74 25.67 22.90
CA PRO B 321 18.90 26.28 23.57
C PRO B 321 18.60 26.95 24.91
N ASP B 322 17.63 27.85 24.93
CA ASP B 322 17.29 28.53 26.17
C ASP B 322 16.92 27.54 27.27
N ASP B 323 16.27 26.45 26.89
CA ASP B 323 15.87 25.43 27.86
C ASP B 323 17.06 24.62 28.38
N VAL B 324 17.98 24.28 27.49
CA VAL B 324 19.16 23.51 27.91
C VAL B 324 20.06 24.43 28.75
N LEU B 325 20.26 25.66 28.29
CA LEU B 325 21.09 26.61 29.04
C LEU B 325 20.54 26.73 30.47
N GLU B 326 19.23 26.84 30.59
CA GLU B 326 18.62 26.96 31.91
C GLU B 326 18.93 25.73 32.76
N PHE B 327 18.87 24.55 32.15
CA PHE B 327 19.18 23.34 32.89
C PHE B 327 20.63 23.41 33.37
N LEU B 328 21.53 23.76 32.46
CA LEU B 328 22.95 23.86 32.79
C LEU B 328 23.20 24.84 33.92
N LYS B 329 22.36 25.87 34.00
CA LYS B 329 22.50 26.86 35.06
C LYS B 329 22.23 26.16 36.39
N VAL B 330 21.13 25.41 36.44
CA VAL B 330 20.76 24.68 37.64
C VAL B 330 21.85 23.64 37.96
N TYR B 331 22.31 22.95 36.92
CA TYR B 331 23.34 21.93 37.08
C TYR B 331 24.60 22.51 37.70
N GLU B 332 25.02 23.68 37.21
CA GLU B 332 26.22 24.32 37.73
C GLU B 332 26.06 24.77 39.18
N LYS B 333 24.84 25.13 39.58
CA LYS B 333 24.59 25.55 40.94
C LYS B 333 24.81 24.39 41.91
N HIS B 334 24.59 23.17 41.45
CA HIS B 334 24.76 21.98 42.29
C HIS B 334 26.10 21.32 42.08
N SER B 335 26.95 21.97 41.30
CA SER B 335 28.28 21.44 41.00
C SER B 335 29.35 22.06 41.91
N ASP C 9 -24.08 8.09 -2.73
CA ASP C 9 -23.84 7.22 -1.54
C ASP C 9 -22.93 6.05 -1.89
N VAL C 10 -21.71 6.07 -1.37
CA VAL C 10 -20.75 5.00 -1.63
C VAL C 10 -21.31 3.67 -1.17
N ASN C 11 -20.84 2.62 -1.82
CA ASN C 11 -21.26 1.27 -1.49
C ASN C 11 -20.01 0.42 -1.63
N THR C 12 -19.87 -0.56 -0.74
CA THR C 12 -18.72 -1.43 -0.77
C THR C 12 -19.21 -2.85 -0.99
N LEU C 13 -18.31 -3.75 -1.37
CA LEU C 13 -18.69 -5.14 -1.60
C LEU C 13 -19.30 -5.71 -0.33
N THR C 14 -18.67 -5.42 0.80
CA THR C 14 -19.13 -5.90 2.10
C THR C 14 -20.56 -5.42 2.37
N ARG C 15 -20.77 -4.12 2.23
CA ARG C 15 -22.08 -3.54 2.46
C ARG C 15 -23.14 -4.13 1.52
N PHE C 16 -22.79 -4.20 0.23
CA PHE C 16 -23.69 -4.74 -0.80
C PHE C 16 -24.10 -6.17 -0.47
N VAL C 17 -23.11 -7.02 -0.26
CA VAL C 17 -23.35 -8.43 0.06
C VAL C 17 -24.19 -8.59 1.33
N MET C 18 -23.88 -7.81 2.36
CA MET C 18 -24.61 -7.88 3.61
C MET C 18 -26.09 -7.51 3.41
N GLU C 19 -26.34 -6.52 2.56
CA GLU C 19 -27.70 -6.07 2.30
C GLU C 19 -28.50 -7.11 1.53
N GLU C 20 -27.91 -7.63 0.47
CA GLU C 20 -28.58 -8.65 -0.34
C GLU C 20 -28.89 -9.86 0.54
N GLY C 21 -27.96 -10.18 1.44
CA GLY C 21 -28.15 -11.30 2.33
C GLY C 21 -29.30 -11.06 3.29
N ARG C 22 -29.43 -9.83 3.77
CA ARG C 22 -30.50 -9.48 4.70
C ARG C 22 -31.84 -9.64 4.01
N LYS C 23 -31.93 -9.19 2.76
CA LYS C 23 -33.16 -9.29 1.98
C LYS C 23 -33.58 -10.75 1.75
N ALA C 24 -32.59 -11.62 1.57
CA ALA C 24 -32.86 -13.03 1.32
C ALA C 24 -33.43 -13.76 2.54
N ARG C 25 -33.27 -13.14 3.71
CA ARG C 25 -33.78 -13.70 4.96
C ARG C 25 -33.37 -15.17 5.15
N GLY C 26 -32.08 -15.45 4.99
CA GLY C 26 -31.59 -16.80 5.16
C GLY C 26 -30.79 -16.97 6.44
N THR C 27 -29.80 -17.87 6.41
CA THR C 27 -28.96 -18.15 7.57
C THR C 27 -27.74 -17.22 7.64
N GLY C 28 -27.45 -16.54 6.55
CA GLY C 28 -26.30 -15.65 6.51
C GLY C 28 -25.03 -16.33 6.02
N GLU C 29 -25.14 -17.61 5.69
CA GLU C 29 -24.00 -18.37 5.21
C GLU C 29 -23.35 -17.81 3.94
N LEU C 30 -24.15 -17.57 2.91
CA LEU C 30 -23.61 -17.05 1.67
C LEU C 30 -22.90 -15.72 1.91
N THR C 31 -23.41 -14.94 2.86
CA THR C 31 -22.79 -13.66 3.20
C THR C 31 -21.36 -13.94 3.69
N GLN C 32 -21.23 -14.90 4.60
CA GLN C 32 -19.94 -15.27 5.16
C GLN C 32 -19.02 -15.85 4.10
N LEU C 33 -19.59 -16.61 3.17
CA LEU C 33 -18.81 -17.21 2.10
C LEU C 33 -18.25 -16.13 1.20
N LEU C 34 -19.10 -15.19 0.80
CA LEU C 34 -18.67 -14.11 -0.08
C LEU C 34 -17.67 -13.18 0.60
N ASN C 35 -17.86 -12.91 1.89
CA ASN C 35 -16.94 -12.05 2.62
C ASN C 35 -15.57 -12.71 2.67
N SER C 36 -15.57 -14.03 2.87
CA SER C 36 -14.33 -14.77 2.91
C SER C 36 -13.65 -14.79 1.54
N LEU C 37 -14.44 -14.91 0.49
CA LEU C 37 -13.91 -14.92 -0.86
C LEU C 37 -13.30 -13.55 -1.15
N CYS C 38 -14.00 -12.50 -0.71
CA CYS C 38 -13.53 -11.14 -0.90
C CYS C 38 -12.15 -10.97 -0.26
N THR C 39 -12.01 -11.44 0.97
CA THR C 39 -10.73 -11.34 1.67
C THR C 39 -9.64 -12.11 0.93
N ALA C 40 -9.97 -13.29 0.43
CA ALA C 40 -8.99 -14.09 -0.30
C ALA C 40 -8.51 -13.36 -1.56
N VAL C 41 -9.45 -12.72 -2.26
CA VAL C 41 -9.14 -11.99 -3.48
C VAL C 41 -8.15 -10.85 -3.21
N LYS C 42 -8.39 -10.08 -2.15
CA LYS C 42 -7.48 -8.98 -1.83
C LYS C 42 -6.08 -9.52 -1.53
N ALA C 43 -6.02 -10.68 -0.88
CA ALA C 43 -4.75 -11.30 -0.55
C ALA C 43 -4.05 -11.77 -1.81
N ILE C 44 -4.82 -12.32 -2.75
CA ILE C 44 -4.26 -12.79 -4.00
C ILE C 44 -3.75 -11.59 -4.79
N SER C 45 -4.55 -10.54 -4.85
CA SER C 45 -4.18 -9.33 -5.55
C SER C 45 -2.87 -8.77 -5.01
N SER C 46 -2.73 -8.70 -3.69
CA SER C 46 -1.50 -8.20 -3.09
C SER C 46 -0.30 -9.05 -3.53
N ALA C 47 -0.48 -10.37 -3.57
CA ALA C 47 0.63 -11.23 -3.98
C ALA C 47 0.92 -11.10 -5.48
N VAL C 48 -0.12 -10.93 -6.28
CA VAL C 48 0.06 -10.80 -7.71
C VAL C 48 0.80 -9.52 -8.04
N ARG C 49 0.51 -8.43 -7.35
CA ARG C 49 1.22 -7.18 -7.60
C ARG C 49 2.62 -7.24 -7.03
N LYS C 50 3.00 -8.42 -6.55
CA LYS C 50 4.35 -8.66 -6.02
C LYS C 50 4.77 -7.97 -4.73
N ALA C 51 3.84 -7.78 -3.80
CA ALA C 51 4.20 -7.15 -2.53
C ALA C 51 5.24 -8.03 -1.84
N GLY C 52 6.30 -7.41 -1.33
CA GLY C 52 7.32 -8.16 -0.63
C GLY C 52 8.31 -8.94 -1.49
N ILE C 53 8.26 -8.79 -2.81
CA ILE C 53 9.18 -9.53 -3.65
C ILE C 53 10.62 -9.18 -3.31
N ALA C 54 10.82 -8.02 -2.69
CA ALA C 54 12.16 -7.59 -2.29
C ALA C 54 12.81 -8.59 -1.31
N HIS C 55 12.00 -9.17 -0.43
CA HIS C 55 12.53 -10.14 0.53
C HIS C 55 12.93 -11.41 -0.19
N LEU C 56 12.27 -11.71 -1.30
CA LEU C 56 12.64 -12.91 -2.04
C LEU C 56 13.97 -12.69 -2.72
N TYR C 57 14.35 -11.42 -2.92
CA TYR C 57 15.61 -11.13 -3.58
C TYR C 57 16.78 -10.73 -2.66
N GLY C 58 16.63 -10.99 -1.37
CA GLY C 58 17.70 -10.70 -0.43
C GLY C 58 17.83 -9.32 0.20
N ILE C 59 16.76 -8.52 0.22
CA ILE C 59 16.87 -7.20 0.82
C ILE C 59 17.31 -7.32 2.28
N ALA C 60 16.90 -8.39 2.95
CA ALA C 60 17.25 -8.62 4.35
C ALA C 60 18.35 -9.67 4.51
N GLY C 61 19.06 -9.96 3.43
CA GLY C 61 20.13 -10.94 3.47
C GLY C 61 19.69 -12.35 3.13
N LYS C 71 6.07 -19.44 -1.98
CA LYS C 71 5.55 -20.49 -2.84
C LYS C 71 5.00 -19.89 -4.13
N LYS C 72 4.85 -20.73 -5.16
CA LYS C 72 4.34 -20.26 -6.43
C LYS C 72 3.04 -19.51 -6.23
N LEU C 73 2.84 -18.48 -7.04
CA LEU C 73 1.65 -17.65 -6.97
C LEU C 73 0.36 -18.44 -7.08
N ASP C 74 0.31 -19.38 -8.01
CA ASP C 74 -0.88 -20.19 -8.20
C ASP C 74 -1.18 -21.05 -6.98
N VAL C 75 -0.13 -21.60 -6.36
CA VAL C 75 -0.33 -22.43 -5.18
C VAL C 75 -0.79 -21.57 -4.00
N LEU C 76 -0.17 -20.40 -3.85
CA LEU C 76 -0.53 -19.49 -2.77
C LEU C 76 -1.99 -19.06 -2.93
N SER C 77 -2.37 -18.70 -4.16
CA SER C 77 -3.72 -18.27 -4.46
C SER C 77 -4.70 -19.37 -4.11
N ASN C 78 -4.38 -20.60 -4.49
CA ASN C 78 -5.22 -21.74 -4.20
C ASN C 78 -5.36 -21.91 -2.69
N ASP C 79 -4.25 -21.79 -1.97
CA ASP C 79 -4.26 -21.92 -0.52
C ASP C 79 -5.15 -20.86 0.12
N LEU C 80 -5.01 -19.61 -0.34
CA LEU C 80 -5.82 -18.51 0.20
C LEU C 80 -7.32 -18.77 0.05
N VAL C 81 -7.77 -19.09 -1.16
CA VAL C 81 -9.18 -19.37 -1.39
C VAL C 81 -9.64 -20.58 -0.56
N MET C 82 -8.90 -21.69 -0.66
CA MET C 82 -9.23 -22.90 0.09
C MET C 82 -9.40 -22.62 1.58
N ASN C 83 -8.39 -21.98 2.17
CA ASN C 83 -8.45 -21.68 3.59
C ASN C 83 -9.56 -20.73 3.99
N MET C 84 -9.76 -19.65 3.22
CA MET C 84 -10.81 -18.70 3.59
C MET C 84 -12.20 -19.32 3.44
N LEU C 85 -12.40 -20.13 2.39
CA LEU C 85 -13.70 -20.76 2.18
C LEU C 85 -13.97 -21.84 3.25
N LYS C 86 -12.98 -22.66 3.56
CA LYS C 86 -13.16 -23.67 4.61
C LYS C 86 -13.52 -23.00 5.92
N SER C 87 -12.73 -21.99 6.30
CA SER C 87 -12.92 -21.29 7.56
C SER C 87 -14.19 -20.44 7.61
N SER C 88 -14.92 -20.35 6.50
CA SER C 88 -16.16 -19.57 6.48
C SER C 88 -17.33 -20.37 7.06
N PHE C 89 -17.17 -21.70 7.14
CA PHE C 89 -18.20 -22.60 7.65
C PHE C 89 -19.42 -22.61 6.74
N ALA C 90 -19.27 -22.10 5.52
CA ALA C 90 -20.38 -22.05 4.58
C ALA C 90 -20.30 -23.04 3.43
N THR C 91 -19.21 -23.80 3.35
CA THR C 91 -19.02 -24.74 2.25
C THR C 91 -18.83 -26.19 2.67
N CYS C 92 -18.98 -27.11 1.71
CA CYS C 92 -18.81 -28.52 2.00
C CYS C 92 -17.98 -29.25 0.94
N VAL C 93 -18.05 -28.77 -0.29
CA VAL C 93 -17.26 -29.36 -1.38
C VAL C 93 -16.63 -28.23 -2.18
N LEU C 94 -15.32 -28.33 -2.39
CA LEU C 94 -14.58 -27.32 -3.12
C LEU C 94 -13.81 -27.92 -4.30
N VAL C 95 -14.09 -27.40 -5.50
CA VAL C 95 -13.41 -27.86 -6.69
C VAL C 95 -12.52 -26.75 -7.22
N SER C 96 -11.24 -27.06 -7.37
CA SER C 96 -10.28 -26.08 -7.85
C SER C 96 -9.46 -26.61 -9.01
N GLU C 97 -9.03 -25.67 -9.84
CA GLU C 97 -8.23 -25.93 -11.03
C GLU C 97 -6.88 -26.52 -10.63
N GLU C 98 -6.43 -26.20 -9.41
CA GLU C 98 -5.16 -26.72 -8.90
C GLU C 98 -5.19 -28.14 -8.38
N ASP C 99 -6.36 -28.61 -7.96
CA ASP C 99 -6.48 -29.96 -7.40
C ASP C 99 -7.21 -30.99 -8.29
N LYS C 100 -6.61 -32.18 -8.42
CA LYS C 100 -7.17 -33.27 -9.23
C LYS C 100 -8.51 -33.77 -8.72
N HIS C 101 -8.64 -33.88 -7.40
CA HIS C 101 -9.86 -34.37 -6.77
C HIS C 101 -10.58 -33.24 -6.05
N ALA C 102 -11.90 -33.36 -5.94
CA ALA C 102 -12.68 -32.36 -5.24
C ALA C 102 -12.25 -32.42 -3.76
N ILE C 103 -12.08 -31.26 -3.13
CA ILE C 103 -11.71 -31.22 -1.73
C ILE C 103 -13.01 -31.28 -0.92
N ILE C 104 -13.01 -32.12 0.11
CA ILE C 104 -14.18 -32.26 0.97
C ILE C 104 -13.83 -31.60 2.31
N VAL C 105 -14.64 -30.61 2.68
CA VAL C 105 -14.44 -29.87 3.92
C VAL C 105 -14.66 -30.79 5.11
N GLU C 106 -13.81 -30.68 6.11
CA GLU C 106 -13.96 -31.51 7.31
C GLU C 106 -15.33 -31.22 7.92
N PRO C 107 -15.96 -32.24 8.51
CA PRO C 107 -17.28 -32.10 9.13
C PRO C 107 -17.53 -30.89 10.03
N GLU C 108 -16.58 -30.55 10.90
CA GLU C 108 -16.79 -29.42 11.81
C GLU C 108 -16.75 -28.02 11.18
N LYS C 109 -16.54 -27.95 9.86
CA LYS C 109 -16.51 -26.67 9.19
C LYS C 109 -17.43 -26.65 7.97
N ARG C 110 -18.26 -27.69 7.84
CA ARG C 110 -19.16 -27.80 6.71
C ARG C 110 -20.35 -26.86 6.66
N GLY C 111 -20.55 -26.29 5.48
CA GLY C 111 -21.66 -25.39 5.23
C GLY C 111 -22.46 -26.03 4.10
N LYS C 112 -23.50 -25.37 3.63
CA LYS C 112 -24.32 -25.95 2.57
C LYS C 112 -23.96 -25.59 1.13
N TYR C 113 -22.87 -24.85 0.94
CA TYR C 113 -22.46 -24.42 -0.40
C TYR C 113 -21.32 -25.22 -1.02
N VAL C 114 -21.35 -25.28 -2.35
CA VAL C 114 -20.35 -25.97 -3.16
C VAL C 114 -19.69 -24.87 -4.00
N VAL C 115 -18.36 -24.81 -4.00
CA VAL C 115 -17.69 -23.78 -4.80
C VAL C 115 -16.65 -24.34 -5.76
N CYS C 116 -16.78 -23.94 -7.03
CA CYS C 116 -15.87 -24.37 -8.08
C CYS C 116 -15.10 -23.11 -8.45
N PHE C 117 -13.78 -23.19 -8.48
CA PHE C 117 -13.01 -22.00 -8.82
C PHE C 117 -11.65 -22.23 -9.45
N ASP C 118 -11.14 -21.18 -10.08
CA ASP C 118 -9.81 -21.19 -10.71
C ASP C 118 -9.14 -20.07 -9.93
N PRO C 119 -8.30 -20.43 -8.95
CA PRO C 119 -7.58 -19.46 -8.11
C PRO C 119 -6.81 -18.37 -8.83
N LEU C 120 -6.08 -18.72 -9.89
CA LEU C 120 -5.32 -17.73 -10.65
C LEU C 120 -5.31 -18.04 -12.14
N ASP C 121 -6.41 -17.69 -12.81
CA ASP C 121 -6.59 -17.90 -14.25
C ASP C 121 -5.57 -17.13 -15.08
N GLY C 122 -4.87 -17.84 -15.97
CA GLY C 122 -3.88 -17.20 -16.82
C GLY C 122 -2.51 -17.10 -16.18
N SER C 123 -2.32 -17.77 -15.06
CA SER C 123 -1.05 -17.73 -14.34
C SER C 123 0.07 -18.50 -15.04
N SER C 124 -0.21 -19.03 -16.23
CA SER C 124 0.80 -19.78 -16.97
C SER C 124 1.68 -18.83 -17.78
N ASN C 125 1.08 -17.74 -18.26
CA ASN C 125 1.81 -16.73 -19.02
C ASN C 125 2.03 -15.49 -18.15
N ILE C 126 2.16 -15.73 -16.85
CA ILE C 126 2.37 -14.66 -15.89
C ILE C 126 3.78 -14.06 -15.99
N ASP C 127 4.69 -14.81 -16.62
CA ASP C 127 6.08 -14.35 -16.80
C ASP C 127 6.10 -13.03 -17.56
N CYS C 128 5.11 -12.84 -18.41
CA CYS C 128 5.03 -11.63 -19.22
C CYS C 128 4.16 -10.56 -18.57
N LEU C 129 3.75 -10.82 -17.32
CA LEU C 129 2.92 -9.90 -16.56
C LEU C 129 1.54 -9.65 -17.18
N VAL C 130 1.07 -10.64 -17.94
CA VAL C 130 -0.25 -10.57 -18.57
C VAL C 130 -1.27 -10.57 -17.45
N SER C 131 -2.43 -9.97 -17.70
CA SER C 131 -3.49 -9.94 -16.70
C SER C 131 -3.84 -11.36 -16.28
N VAL C 132 -4.14 -11.54 -15.00
CA VAL C 132 -4.56 -12.84 -14.48
C VAL C 132 -5.80 -12.59 -13.64
N GLY C 133 -6.47 -13.66 -13.25
CA GLY C 133 -7.67 -13.49 -12.45
C GLY C 133 -8.10 -14.73 -11.70
N THR C 134 -9.18 -14.57 -10.93
CA THR C 134 -9.76 -15.64 -10.14
C THR C 134 -11.21 -15.81 -10.59
N ILE C 135 -11.59 -17.02 -10.99
CA ILE C 135 -12.96 -17.26 -11.43
C ILE C 135 -13.64 -18.21 -10.42
N PHE C 136 -14.91 -17.95 -10.12
CA PHE C 136 -15.63 -18.77 -9.16
C PHE C 136 -17.10 -18.92 -9.49
N GLY C 137 -17.68 -20.04 -9.04
CA GLY C 137 -19.08 -20.34 -9.23
C GLY C 137 -19.57 -20.96 -7.95
N ILE C 138 -20.70 -20.48 -7.46
CA ILE C 138 -21.24 -20.97 -6.20
C ILE C 138 -22.58 -21.68 -6.36
N TYR C 139 -22.65 -22.90 -5.83
CA TYR C 139 -23.85 -23.71 -5.89
C TYR C 139 -24.31 -24.09 -4.49
N ARG C 140 -25.60 -24.38 -4.36
CA ARG C 140 -26.17 -24.81 -3.09
C ARG C 140 -26.16 -26.34 -3.19
N LYS C 141 -25.64 -27.02 -2.18
CA LYS C 141 -25.62 -28.47 -2.21
C LYS C 141 -27.05 -28.96 -2.35
N LYS C 142 -27.24 -29.77 -3.38
CA LYS C 142 -28.53 -30.34 -3.74
C LYS C 142 -28.81 -31.69 -3.10
N SER C 143 -27.91 -32.64 -3.29
CA SER C 143 -28.07 -33.98 -2.71
C SER C 143 -27.85 -33.98 -1.20
N THR C 144 -28.46 -34.95 -0.52
CA THR C 144 -28.33 -35.05 0.93
C THR C 144 -27.27 -36.06 1.36
N ASP C 145 -26.68 -36.76 0.40
CA ASP C 145 -25.64 -37.73 0.73
C ASP C 145 -24.45 -36.98 1.34
N GLU C 146 -23.57 -37.71 2.01
CA GLU C 146 -22.34 -37.14 2.52
C GLU C 146 -21.69 -36.36 1.36
N PRO C 147 -21.15 -35.18 1.63
CA PRO C 147 -20.52 -34.37 0.57
C PRO C 147 -19.50 -35.15 -0.23
N SER C 148 -19.56 -35.01 -1.55
CA SER C 148 -18.64 -35.69 -2.44
C SER C 148 -18.48 -34.89 -3.72
N GLU C 149 -17.63 -35.37 -4.63
CA GLU C 149 -17.41 -34.68 -5.90
C GLU C 149 -18.70 -34.55 -6.69
N LYS C 150 -19.63 -35.46 -6.45
CA LYS C 150 -20.92 -35.45 -7.15
C LYS C 150 -21.69 -34.14 -6.94
N ASP C 151 -21.50 -33.50 -5.79
CA ASP C 151 -22.20 -32.26 -5.49
C ASP C 151 -21.77 -31.08 -6.36
N ALA C 152 -20.65 -31.23 -7.05
CA ALA C 152 -20.15 -30.17 -7.91
C ALA C 152 -20.54 -30.41 -9.36
N LEU C 153 -21.28 -31.51 -9.60
CA LEU C 153 -21.70 -31.85 -10.94
C LEU C 153 -23.11 -31.35 -11.24
N GLN C 154 -23.31 -30.04 -11.06
CA GLN C 154 -24.60 -29.44 -11.33
C GLN C 154 -24.47 -28.53 -12.54
N PRO C 155 -25.55 -28.42 -13.33
CA PRO C 155 -25.47 -27.55 -14.51
C PRO C 155 -25.41 -26.09 -14.04
N GLY C 156 -24.65 -25.27 -14.77
CA GLY C 156 -24.50 -23.87 -14.41
C GLY C 156 -25.81 -23.15 -14.16
N ARG C 157 -26.91 -23.72 -14.65
CA ARG C 157 -28.22 -23.13 -14.49
C ARG C 157 -28.60 -23.05 -13.00
N ASN C 158 -27.99 -23.88 -12.18
CA ASN C 158 -28.26 -23.91 -10.74
C ASN C 158 -27.43 -22.93 -9.92
N LEU C 159 -26.50 -22.21 -10.56
CA LEU C 159 -25.67 -21.26 -9.84
C LEU C 159 -26.45 -20.25 -9.01
N VAL C 160 -25.97 -19.99 -7.79
CA VAL C 160 -26.60 -19.03 -6.90
C VAL C 160 -25.85 -17.71 -7.03
N ALA C 161 -24.59 -17.81 -7.41
CA ALA C 161 -23.75 -16.64 -7.59
C ALA C 161 -22.47 -17.06 -8.28
N ALA C 162 -21.88 -16.11 -9.03
CA ALA C 162 -20.66 -16.39 -9.75
C ALA C 162 -20.00 -15.07 -10.13
N GLY C 163 -18.74 -15.15 -10.54
CA GLY C 163 -18.04 -13.94 -10.92
C GLY C 163 -16.56 -14.19 -11.03
N TYR C 164 -15.80 -13.10 -11.03
CA TYR C 164 -14.36 -13.21 -11.13
C TYR C 164 -13.70 -11.94 -10.63
N ALA C 165 -12.40 -12.04 -10.42
CA ALA C 165 -11.59 -10.92 -10.00
C ALA C 165 -10.57 -10.77 -11.11
N LEU C 166 -10.42 -9.57 -11.64
CA LEU C 166 -9.46 -9.33 -12.69
C LEU C 166 -8.32 -8.53 -12.10
N TYR C 167 -7.10 -9.06 -12.21
CA TYR C 167 -5.92 -8.36 -11.69
C TYR C 167 -5.20 -7.76 -12.89
N GLY C 168 -5.77 -6.67 -13.42
CA GLY C 168 -5.18 -6.01 -14.57
C GLY C 168 -4.52 -4.69 -14.21
N SER C 169 -4.78 -3.65 -15.01
CA SER C 169 -4.21 -2.35 -14.73
C SER C 169 -4.62 -2.02 -13.28
N ALA C 170 -5.83 -2.43 -12.91
CA ALA C 170 -6.33 -2.26 -11.55
C ALA C 170 -7.07 -3.55 -11.23
N THR C 171 -7.42 -3.76 -9.97
CA THR C 171 -8.13 -4.96 -9.58
C THR C 171 -9.61 -4.72 -9.45
N MET C 172 -10.42 -5.54 -10.12
CA MET C 172 -11.86 -5.43 -10.07
C MET C 172 -12.52 -6.78 -9.84
N LEU C 173 -13.59 -6.77 -9.07
CA LEU C 173 -14.33 -7.98 -8.80
C LEU C 173 -15.72 -7.83 -9.41
N VAL C 174 -16.05 -8.74 -10.32
CA VAL C 174 -17.34 -8.74 -10.98
C VAL C 174 -18.17 -9.84 -10.31
N LEU C 175 -19.28 -9.45 -9.70
CA LEU C 175 -20.14 -10.41 -9.01
C LEU C 175 -21.52 -10.48 -9.64
N ALA C 176 -21.91 -11.68 -10.04
CA ALA C 176 -23.21 -11.88 -10.66
C ALA C 176 -24.12 -12.74 -9.77
N MET C 177 -25.37 -12.30 -9.65
CA MET C 177 -26.38 -13.01 -8.88
C MET C 177 -27.70 -12.77 -9.59
N ASP C 178 -28.80 -13.29 -9.03
CA ASP C 178 -30.11 -13.09 -9.64
C ASP C 178 -30.43 -11.61 -9.85
N CYS C 179 -30.00 -10.77 -8.91
CA CYS C 179 -30.26 -9.32 -8.99
C CYS C 179 -29.48 -8.63 -10.11
N GLY C 180 -28.57 -9.35 -10.75
CA GLY C 180 -27.80 -8.76 -11.83
C GLY C 180 -26.29 -8.82 -11.61
N VAL C 181 -25.56 -8.04 -12.39
CA VAL C 181 -24.11 -7.99 -12.31
C VAL C 181 -23.59 -6.65 -11.78
N ASN C 182 -22.73 -6.70 -10.78
CA ASN C 182 -22.17 -5.48 -10.23
C ASN C 182 -20.64 -5.54 -10.17
N CYS C 183 -20.00 -4.43 -10.54
CA CYS C 183 -18.55 -4.35 -10.60
C CYS C 183 -17.94 -3.51 -9.49
N PHE C 184 -16.99 -4.09 -8.78
CA PHE C 184 -16.34 -3.38 -7.68
C PHE C 184 -14.85 -3.19 -7.93
N MET C 185 -14.38 -1.98 -7.68
CA MET C 185 -12.97 -1.66 -7.88
C MET C 185 -12.25 -1.71 -6.54
N LEU C 186 -11.11 -2.40 -6.51
CA LEU C 186 -10.34 -2.50 -5.27
C LEU C 186 -9.47 -1.24 -5.08
N ASP C 187 -9.68 -0.54 -3.97
CA ASP C 187 -8.89 0.65 -3.67
C ASP C 187 -7.76 0.16 -2.78
N PRO C 188 -6.55 0.03 -3.34
CA PRO C 188 -5.39 -0.45 -2.58
C PRO C 188 -5.02 0.35 -1.34
N ALA C 189 -5.37 1.62 -1.31
CA ALA C 189 -5.06 2.47 -0.17
C ALA C 189 -5.77 2.03 1.11
N ILE C 190 -6.98 1.48 0.97
CA ILE C 190 -7.74 1.07 2.16
C ILE C 190 -8.22 -0.37 2.08
N GLY C 191 -7.79 -1.08 1.05
CA GLY C 191 -8.19 -2.47 0.90
C GLY C 191 -9.69 -2.64 0.96
N GLU C 192 -10.39 -1.89 0.10
CA GLU C 192 -11.84 -1.98 0.06
C GLU C 192 -12.32 -2.00 -1.40
N PHE C 193 -13.29 -2.86 -1.69
CA PHE C 193 -13.87 -2.99 -3.02
C PHE C 193 -15.01 -1.98 -3.12
N ILE C 194 -14.82 -0.96 -3.94
CA ILE C 194 -15.82 0.08 -4.13
C ILE C 194 -16.70 -0.20 -5.34
N LEU C 195 -18.02 -0.13 -5.15
CA LEU C 195 -18.98 -0.36 -6.21
C LEU C 195 -18.91 0.79 -7.22
N VAL C 196 -18.53 0.49 -8.46
CA VAL C 196 -18.42 1.53 -9.47
C VAL C 196 -19.34 1.36 -10.67
N ASP C 197 -19.95 0.19 -10.79
CA ASP C 197 -20.88 -0.10 -11.89
C ASP C 197 -22.01 -1.00 -11.43
N LYS C 198 -23.20 -0.42 -11.32
CA LYS C 198 -24.38 -1.14 -10.85
C LYS C 198 -25.21 -1.74 -11.99
N ASP C 199 -25.74 -2.95 -11.75
CA ASP C 199 -26.58 -3.65 -12.70
C ASP C 199 -26.10 -3.47 -14.13
N VAL C 200 -24.89 -3.95 -14.40
CA VAL C 200 -24.29 -3.83 -15.71
C VAL C 200 -24.95 -4.72 -16.76
N LYS C 201 -25.07 -4.17 -17.96
CA LYS C 201 -25.66 -4.87 -19.10
C LYS C 201 -24.71 -4.74 -20.28
N ILE C 202 -24.45 -5.85 -20.96
CA ILE C 202 -23.54 -5.84 -22.11
C ILE C 202 -24.24 -5.23 -23.32
N LYS C 203 -23.44 -4.62 -24.20
CA LYS C 203 -23.99 -4.01 -25.42
C LYS C 203 -24.69 -5.08 -26.24
N LYS C 204 -25.75 -4.68 -26.92
CA LYS C 204 -26.53 -5.59 -27.76
C LYS C 204 -25.64 -6.20 -28.86
N LYS C 205 -24.77 -5.37 -29.44
CA LYS C 205 -23.88 -5.80 -30.50
C LYS C 205 -22.54 -5.07 -30.39
N GLY C 206 -21.45 -5.80 -30.55
CA GLY C 206 -20.13 -5.19 -30.45
C GLY C 206 -19.39 -5.08 -31.77
N LYS C 207 -18.13 -4.67 -31.69
CA LYS C 207 -17.28 -4.50 -32.87
C LYS C 207 -15.91 -5.14 -32.67
N ILE C 208 -15.85 -6.12 -31.77
CA ILE C 208 -14.59 -6.82 -31.48
C ILE C 208 -14.81 -8.33 -31.35
N TYR C 209 -13.95 -9.11 -31.98
CA TYR C 209 -14.05 -10.57 -31.87
C TYR C 209 -12.74 -11.00 -31.25
N SER C 210 -12.81 -12.01 -30.37
CA SER C 210 -11.65 -12.48 -29.65
C SER C 210 -11.49 -14.01 -29.65
N LEU C 211 -10.35 -14.49 -30.14
CA LEU C 211 -10.03 -15.91 -30.18
C LEU C 211 -8.60 -16.08 -30.69
N ASN C 212 -8.00 -17.23 -30.40
CA ASN C 212 -6.64 -17.54 -30.84
C ASN C 212 -6.70 -17.98 -32.30
N GLU C 213 -6.35 -17.08 -33.22
CA GLU C 213 -6.39 -17.43 -34.63
C GLU C 213 -5.23 -18.30 -35.08
N GLY C 214 -4.31 -18.58 -34.17
CA GLY C 214 -3.18 -19.44 -34.49
C GLY C 214 -3.68 -20.86 -34.74
N TYR C 215 -4.93 -21.12 -34.34
CA TYR C 215 -5.54 -22.43 -34.52
C TYR C 215 -6.32 -22.49 -35.84
N ALA C 216 -6.25 -21.43 -36.64
CA ALA C 216 -6.99 -21.38 -37.89
C ALA C 216 -7.02 -22.71 -38.65
N LYS C 217 -5.84 -23.31 -38.83
CA LYS C 217 -5.73 -24.57 -39.54
C LYS C 217 -6.67 -25.66 -39.04
N ASP C 218 -6.90 -25.68 -37.74
CA ASP C 218 -7.77 -26.69 -37.11
C ASP C 218 -9.20 -26.24 -36.88
N PHE C 219 -9.55 -25.01 -37.24
CA PHE C 219 -10.90 -24.55 -36.97
C PHE C 219 -12.01 -25.32 -37.65
N ASP C 220 -13.17 -25.36 -37.02
CA ASP C 220 -14.28 -26.04 -37.64
C ASP C 220 -14.78 -25.05 -38.68
N PRO C 221 -15.35 -25.56 -39.78
CA PRO C 221 -15.85 -24.70 -40.85
C PRO C 221 -16.71 -23.52 -40.43
N ALA C 222 -17.60 -23.72 -39.46
CA ALA C 222 -18.46 -22.64 -39.00
C ALA C 222 -17.65 -21.51 -38.34
N VAL C 223 -16.64 -21.88 -37.56
CA VAL C 223 -15.79 -20.88 -36.91
C VAL C 223 -15.01 -20.13 -37.99
N THR C 224 -14.51 -20.88 -38.97
CA THR C 224 -13.75 -20.32 -40.08
C THR C 224 -14.59 -19.29 -40.83
N GLU C 225 -15.84 -19.64 -41.14
CA GLU C 225 -16.71 -18.72 -41.86
C GLU C 225 -17.11 -17.51 -41.02
N TYR C 226 -17.43 -17.74 -39.74
CA TYR C 226 -17.82 -16.63 -38.88
C TYR C 226 -16.71 -15.58 -38.78
N ILE C 227 -15.48 -16.03 -38.51
CA ILE C 227 -14.34 -15.13 -38.40
C ILE C 227 -14.17 -14.39 -39.74
N GLN C 228 -14.35 -15.13 -40.83
CA GLN C 228 -14.25 -14.56 -42.17
C GLN C 228 -15.25 -13.41 -42.35
N ARG C 229 -16.43 -13.55 -41.77
CA ARG C 229 -17.46 -12.53 -41.87
C ARG C 229 -17.11 -11.28 -41.05
N LYS C 230 -16.31 -11.46 -40.00
CA LYS C 230 -15.90 -10.34 -39.16
C LYS C 230 -14.82 -9.51 -39.85
N LYS C 231 -13.98 -10.18 -40.62
CA LYS C 231 -12.88 -9.52 -41.34
C LYS C 231 -13.33 -8.97 -42.69
N PHE C 232 -14.18 -9.72 -43.37
CA PHE C 232 -14.69 -9.35 -44.69
C PHE C 232 -16.19 -9.28 -44.63
N PRO C 233 -16.74 -8.26 -43.97
CA PRO C 233 -18.20 -8.17 -43.89
C PRO C 233 -18.82 -8.30 -45.28
N PRO C 234 -19.72 -9.27 -45.46
CA PRO C 234 -20.36 -9.47 -46.76
C PRO C 234 -21.25 -8.28 -47.14
N ASP C 235 -21.70 -7.53 -46.13
CA ASP C 235 -22.54 -6.36 -46.35
C ASP C 235 -21.64 -5.12 -46.42
N ASN C 236 -20.35 -5.38 -46.60
CA ASN C 236 -19.33 -4.33 -46.71
C ASN C 236 -19.31 -3.28 -45.59
N SER C 237 -19.83 -3.63 -44.43
CA SER C 237 -19.80 -2.71 -43.28
C SER C 237 -18.35 -2.73 -42.74
N ALA C 238 -18.11 -2.00 -41.66
CA ALA C 238 -16.76 -1.96 -41.09
C ALA C 238 -16.38 -3.27 -40.41
N PRO C 239 -15.18 -3.79 -40.72
CA PRO C 239 -14.68 -5.04 -40.13
C PRO C 239 -14.49 -4.89 -38.63
N TYR C 240 -14.73 -5.96 -37.88
CA TYR C 240 -14.55 -5.95 -36.43
C TYR C 240 -13.05 -5.87 -36.09
N GLY C 241 -12.73 -5.31 -34.93
CA GLY C 241 -11.35 -5.24 -34.50
C GLY C 241 -11.04 -6.53 -33.76
N ALA C 242 -9.76 -6.90 -33.66
CA ALA C 242 -9.40 -8.13 -32.97
C ALA C 242 -8.56 -7.89 -31.72
N ARG C 243 -8.86 -8.66 -30.69
CA ARG C 243 -8.13 -8.59 -29.42
C ARG C 243 -8.10 -9.97 -28.82
N TYR C 244 -6.93 -10.38 -28.34
CA TYR C 244 -6.82 -11.66 -27.67
C TYR C 244 -5.64 -11.62 -26.71
N VAL C 245 -5.98 -11.44 -25.43
CA VAL C 245 -4.99 -11.36 -24.38
C VAL C 245 -4.41 -12.72 -24.05
N GLY C 246 -5.24 -13.75 -24.09
CA GLY C 246 -4.77 -15.09 -23.78
C GLY C 246 -5.15 -15.48 -22.36
N SER C 247 -5.75 -14.54 -21.65
CA SER C 247 -6.19 -14.76 -20.28
C SER C 247 -7.71 -14.62 -20.34
N MET C 248 -8.43 -15.69 -20.01
CA MET C 248 -9.89 -15.67 -20.09
C MET C 248 -10.58 -14.54 -19.34
N VAL C 249 -10.18 -14.29 -18.10
CA VAL C 249 -10.80 -13.22 -17.32
C VAL C 249 -10.64 -11.87 -18.02
N ALA C 250 -9.46 -11.61 -18.57
CA ALA C 250 -9.22 -10.34 -19.25
C ALA C 250 -10.05 -10.24 -20.54
N ASP C 251 -10.04 -11.29 -21.35
CA ASP C 251 -10.78 -11.29 -22.60
C ASP C 251 -12.30 -11.19 -22.34
N VAL C 252 -12.79 -11.93 -21.36
CA VAL C 252 -14.21 -11.90 -21.05
C VAL C 252 -14.63 -10.55 -20.48
N HIS C 253 -13.80 -9.98 -19.62
CA HIS C 253 -14.14 -8.69 -19.05
C HIS C 253 -14.24 -7.59 -20.11
N ARG C 254 -13.30 -7.60 -21.06
CA ARG C 254 -13.32 -6.61 -22.14
C ARG C 254 -14.60 -6.79 -22.95
N THR C 255 -14.98 -8.05 -23.16
CA THR C 255 -16.20 -8.38 -23.90
C THR C 255 -17.41 -7.79 -23.17
N LEU C 256 -17.46 -7.95 -21.85
CA LEU C 256 -18.55 -7.43 -21.04
C LEU C 256 -18.62 -5.89 -21.11
N VAL C 257 -17.47 -5.25 -20.96
CA VAL C 257 -17.35 -3.79 -20.97
C VAL C 257 -17.56 -3.13 -22.33
N TYR C 258 -16.91 -3.64 -23.36
CA TYR C 258 -16.99 -3.07 -24.70
C TYR C 258 -17.96 -3.79 -25.63
N GLY C 259 -18.37 -4.99 -25.25
CA GLY C 259 -19.27 -5.75 -26.10
C GLY C 259 -18.47 -6.53 -27.13
N GLY C 260 -19.14 -7.35 -27.93
CA GLY C 260 -18.43 -8.14 -28.91
C GLY C 260 -18.58 -9.60 -28.64
N ILE C 261 -17.61 -10.40 -29.08
CA ILE C 261 -17.69 -11.83 -28.89
C ILE C 261 -16.34 -12.49 -28.58
N PHE C 262 -16.37 -13.50 -27.72
CA PHE C 262 -15.18 -14.25 -27.33
C PHE C 262 -15.36 -15.72 -27.68
N LEU C 263 -14.35 -16.32 -28.30
CA LEU C 263 -14.46 -17.72 -28.66
C LEU C 263 -13.27 -18.60 -28.31
N TYR C 264 -13.58 -19.81 -27.88
CA TYR C 264 -12.60 -20.84 -27.60
C TYR C 264 -13.37 -22.12 -27.93
N PRO C 265 -13.59 -22.35 -29.23
CA PRO C 265 -14.31 -23.50 -29.78
C PRO C 265 -13.48 -24.76 -29.75
N ALA C 266 -14.07 -25.92 -29.96
CA ALA C 266 -13.25 -27.12 -29.96
C ALA C 266 -12.18 -26.97 -31.06
N ASN C 267 -11.11 -27.75 -30.97
CA ASN C 267 -10.03 -27.77 -31.97
C ASN C 267 -10.01 -29.25 -32.35
N LYS C 268 -9.20 -29.63 -33.33
CA LYS C 268 -9.15 -31.05 -33.69
C LYS C 268 -8.36 -31.74 -32.59
N LYS C 269 -7.53 -30.98 -31.87
CA LYS C 269 -6.74 -31.52 -30.77
C LYS C 269 -7.41 -31.24 -29.42
N SER C 270 -8.66 -30.80 -29.48
CA SER C 270 -9.46 -30.52 -28.28
C SER C 270 -10.91 -30.60 -28.70
N PRO C 271 -11.34 -31.77 -29.19
CA PRO C 271 -12.69 -32.08 -29.66
C PRO C 271 -13.78 -31.60 -28.72
N ASN C 272 -13.44 -31.46 -27.44
CA ASN C 272 -14.40 -30.99 -26.45
C ASN C 272 -14.01 -29.59 -25.94
N GLY C 273 -13.43 -28.75 -26.81
CA GLY C 273 -12.99 -27.43 -26.41
C GLY C 273 -11.78 -27.56 -25.50
N LYS C 274 -11.24 -26.43 -25.04
CA LYS C 274 -10.08 -26.45 -24.15
C LYS C 274 -10.39 -25.90 -22.76
N LEU C 275 -11.25 -24.90 -22.70
CA LEU C 275 -11.59 -24.31 -21.41
C LEU C 275 -12.41 -25.29 -20.57
N ARG C 276 -12.29 -25.16 -19.25
CA ARG C 276 -12.99 -26.02 -18.31
C ARG C 276 -14.41 -25.54 -18.03
N LEU C 277 -15.36 -26.47 -18.03
CA LEU C 277 -16.75 -26.14 -17.78
C LEU C 277 -17.09 -25.64 -16.39
N LEU C 278 -16.65 -26.37 -15.36
CA LEU C 278 -16.97 -25.99 -13.99
C LEU C 278 -16.46 -24.67 -13.44
N TYR C 279 -15.20 -24.34 -13.69
CA TYR C 279 -14.66 -23.11 -13.14
C TYR C 279 -14.18 -22.03 -14.12
N GLU C 280 -14.49 -22.20 -15.40
CA GLU C 280 -14.12 -21.19 -16.38
C GLU C 280 -15.36 -20.83 -17.22
N CYS C 281 -15.93 -21.83 -17.88
CA CYS C 281 -17.09 -21.60 -18.74
C CYS C 281 -18.40 -21.22 -18.04
N ASN C 282 -18.84 -22.04 -17.11
CA ASN C 282 -20.09 -21.77 -16.41
C ASN C 282 -20.11 -20.40 -15.70
N PRO C 283 -19.07 -20.08 -14.91
CA PRO C 283 -19.07 -18.78 -14.24
C PRO C 283 -19.19 -17.60 -15.21
N MET C 284 -18.44 -17.65 -16.30
CA MET C 284 -18.46 -16.58 -17.28
C MET C 284 -19.79 -16.55 -18.04
N ALA C 285 -20.35 -17.72 -18.29
CA ALA C 285 -21.63 -17.78 -19.01
C ALA C 285 -22.72 -17.21 -18.12
N TYR C 286 -22.62 -17.48 -16.82
CA TYR C 286 -23.59 -16.98 -15.86
C TYR C 286 -23.54 -15.45 -15.80
N VAL C 287 -22.34 -14.88 -15.78
CA VAL C 287 -22.19 -13.43 -15.73
C VAL C 287 -22.76 -12.82 -17.00
N MET C 288 -22.48 -13.46 -18.13
CA MET C 288 -22.97 -12.98 -19.41
C MET C 288 -24.50 -12.96 -19.48
N GLU C 289 -25.14 -14.07 -19.11
CA GLU C 289 -26.59 -14.10 -19.17
C GLU C 289 -27.23 -13.08 -18.24
N LYS C 290 -26.68 -12.93 -17.04
CA LYS C 290 -27.24 -11.95 -16.11
C LYS C 290 -27.03 -10.53 -16.62
N ALA C 291 -26.09 -10.35 -17.54
CA ALA C 291 -25.81 -9.03 -18.11
C ALA C 291 -26.56 -8.83 -19.44
N GLY C 292 -27.40 -9.80 -19.79
CA GLY C 292 -28.16 -9.72 -21.02
C GLY C 292 -27.39 -10.26 -22.22
N GLY C 293 -26.32 -11.00 -21.96
CA GLY C 293 -25.53 -11.57 -23.04
C GLY C 293 -25.82 -13.04 -23.23
N MET C 294 -25.03 -13.71 -24.06
CA MET C 294 -25.25 -15.12 -24.33
C MET C 294 -23.94 -15.92 -24.23
N ALA C 295 -24.08 -17.22 -24.00
CA ALA C 295 -22.95 -18.13 -23.89
C ALA C 295 -23.37 -19.51 -24.36
N THR C 296 -22.87 -19.91 -25.52
CA THR C 296 -23.22 -21.21 -26.10
C THR C 296 -22.00 -22.06 -26.41
N THR C 297 -22.21 -23.38 -26.51
CA THR C 297 -21.15 -24.31 -26.85
C THR C 297 -21.28 -24.55 -28.35
N GLY C 298 -22.36 -24.01 -28.91
CA GLY C 298 -22.63 -24.20 -30.33
C GLY C 298 -23.87 -25.06 -30.46
N LYS C 299 -23.95 -26.07 -29.60
CA LYS C 299 -25.07 -27.00 -29.58
C LYS C 299 -26.12 -26.61 -28.56
N GLU C 300 -25.69 -26.02 -27.45
CA GLU C 300 -26.59 -25.62 -26.37
C GLU C 300 -25.98 -24.54 -25.51
N ALA C 301 -26.80 -23.96 -24.64
CA ALA C 301 -26.34 -22.93 -23.72
C ALA C 301 -25.39 -23.60 -22.73
N VAL C 302 -24.23 -22.97 -22.52
CA VAL C 302 -23.23 -23.48 -21.60
C VAL C 302 -23.83 -23.88 -20.26
N LEU C 303 -24.71 -23.01 -19.74
CA LEU C 303 -25.35 -23.22 -18.45
C LEU C 303 -26.25 -24.47 -18.37
N ASP C 304 -26.65 -25.00 -19.52
CA ASP C 304 -27.51 -26.18 -19.54
C ASP C 304 -26.76 -27.50 -19.65
N VAL C 305 -25.45 -27.44 -19.89
CA VAL C 305 -24.68 -28.66 -20.01
C VAL C 305 -24.60 -29.33 -18.64
N ILE C 306 -24.87 -30.62 -18.61
CA ILE C 306 -24.85 -31.40 -17.39
C ILE C 306 -23.50 -32.09 -17.31
N PRO C 307 -22.62 -31.65 -16.40
CA PRO C 307 -21.28 -32.21 -16.22
C PRO C 307 -21.26 -33.62 -15.63
N THR C 308 -20.25 -34.41 -16.02
CA THR C 308 -20.08 -35.77 -15.52
C THR C 308 -18.71 -35.89 -14.87
N ASP C 309 -17.84 -34.92 -15.16
CA ASP C 309 -16.49 -34.89 -14.59
C ASP C 309 -16.13 -33.44 -14.25
N ILE C 310 -15.64 -33.24 -13.03
CA ILE C 310 -15.30 -31.93 -12.54
C ILE C 310 -14.32 -31.10 -13.38
N HIS C 311 -13.47 -31.76 -14.15
CA HIS C 311 -12.51 -31.05 -14.98
C HIS C 311 -12.80 -31.18 -16.46
N GLN C 312 -14.02 -31.56 -16.81
CA GLN C 312 -14.34 -31.72 -18.24
C GLN C 312 -14.28 -30.39 -18.94
N ARG C 313 -13.86 -30.44 -20.21
CA ARG C 313 -13.73 -29.26 -21.06
C ARG C 313 -15.06 -28.95 -21.71
N ALA C 314 -15.18 -27.75 -22.26
CA ALA C 314 -16.39 -27.34 -22.95
C ALA C 314 -16.10 -26.22 -23.93
N PRO C 315 -16.64 -26.32 -25.15
CA PRO C 315 -16.41 -25.26 -26.14
C PRO C 315 -17.23 -24.07 -25.66
N VAL C 316 -16.83 -22.86 -26.01
CA VAL C 316 -17.60 -21.69 -25.59
C VAL C 316 -17.51 -20.50 -26.54
N ILE C 317 -18.66 -19.88 -26.80
CA ILE C 317 -18.79 -18.70 -27.65
C ILE C 317 -19.72 -17.79 -26.84
N LEU C 318 -19.22 -16.64 -26.40
CA LEU C 318 -20.04 -15.75 -25.59
C LEU C 318 -19.85 -14.27 -25.92
N GLY C 319 -20.73 -13.44 -25.38
CA GLY C 319 -20.66 -12.01 -25.63
C GLY C 319 -22.01 -11.40 -25.97
N SER C 320 -21.99 -10.30 -26.70
CA SER C 320 -23.20 -9.62 -27.09
C SER C 320 -24.17 -10.58 -27.80
N PRO C 321 -25.46 -10.53 -27.44
CA PRO C 321 -26.51 -11.38 -28.02
C PRO C 321 -26.52 -11.41 -29.55
N ASP C 322 -26.61 -10.24 -30.17
CA ASP C 322 -26.62 -10.16 -31.63
C ASP C 322 -25.43 -10.89 -32.23
N ASP C 323 -24.28 -10.75 -31.60
CA ASP C 323 -23.06 -11.39 -32.10
C ASP C 323 -23.07 -12.91 -31.93
N VAL C 324 -23.58 -13.39 -30.80
CA VAL C 324 -23.64 -14.83 -30.56
C VAL C 324 -24.70 -15.42 -31.49
N LEU C 325 -25.85 -14.77 -31.58
CA LEU C 325 -26.94 -15.24 -32.45
C LEU C 325 -26.39 -15.42 -33.86
N GLU C 326 -25.63 -14.42 -34.31
CA GLU C 326 -25.05 -14.46 -35.64
C GLU C 326 -24.13 -15.67 -35.78
N PHE C 327 -23.34 -15.96 -34.76
CA PHE C 327 -22.46 -17.11 -34.84
C PHE C 327 -23.30 -18.36 -34.96
N LEU C 328 -24.33 -18.49 -34.12
CA LEU C 328 -25.20 -19.66 -34.13
C LEU C 328 -25.85 -19.84 -35.50
N LYS C 329 -26.10 -18.74 -36.19
CA LYS C 329 -26.69 -18.82 -37.53
C LYS C 329 -25.71 -19.55 -38.44
N VAL C 330 -24.45 -19.12 -38.42
CA VAL C 330 -23.42 -19.73 -39.23
C VAL C 330 -23.24 -21.19 -38.80
N TYR C 331 -23.23 -21.41 -37.50
CA TYR C 331 -23.06 -22.76 -36.95
C TYR C 331 -24.14 -23.69 -37.48
N GLU C 332 -25.37 -23.22 -37.45
CA GLU C 332 -26.49 -24.02 -37.91
C GLU C 332 -26.43 -24.33 -39.41
N LYS C 333 -25.86 -23.42 -40.17
CA LYS C 333 -25.72 -23.60 -41.61
C LYS C 333 -24.77 -24.75 -41.93
N HIS C 334 -23.81 -24.99 -41.03
CA HIS C 334 -22.84 -26.06 -41.21
C HIS C 334 -23.21 -27.32 -40.44
N SER C 335 -24.41 -27.32 -39.86
CA SER C 335 -24.86 -28.47 -39.09
C SER C 335 -25.84 -29.35 -39.87
N ASP D 9 22.84 -10.91 -3.79
CA ASP D 9 23.00 -9.45 -3.57
C ASP D 9 21.89 -8.66 -4.26
N VAL D 10 20.90 -8.21 -3.49
CA VAL D 10 19.79 -7.44 -4.02
C VAL D 10 20.28 -6.19 -4.72
N ASN D 11 19.55 -5.75 -5.73
CA ASN D 11 19.91 -4.56 -6.47
C ASN D 11 18.59 -3.83 -6.75
N THR D 12 18.61 -2.51 -6.67
CA THR D 12 17.42 -1.71 -6.91
C THR D 12 17.69 -0.84 -8.13
N LEU D 13 16.62 -0.28 -8.70
CA LEU D 13 16.78 0.59 -9.86
C LEU D 13 17.66 1.77 -9.48
N THR D 14 17.42 2.33 -8.30
CA THR D 14 18.20 3.47 -7.81
C THR D 14 19.68 3.12 -7.73
N ARG D 15 19.99 2.01 -7.07
CA ARG D 15 21.37 1.57 -6.91
C ARG D 15 22.03 1.28 -8.26
N PHE D 16 21.32 0.57 -9.14
CA PHE D 16 21.81 0.23 -10.48
C PHE D 16 22.15 1.50 -11.26
N VAL D 17 21.17 2.39 -11.35
CA VAL D 17 21.32 3.65 -12.06
C VAL D 17 22.49 4.49 -11.53
N MET D 18 22.59 4.56 -10.21
CA MET D 18 23.66 5.33 -9.57
C MET D 18 25.03 4.75 -9.91
N GLU D 19 25.12 3.43 -9.96
CA GLU D 19 26.39 2.77 -10.26
C GLU D 19 26.82 2.96 -11.72
N GLU D 20 25.89 2.77 -12.64
CA GLU D 20 26.21 2.96 -14.06
C GLU D 20 26.62 4.41 -14.28
N GLY D 21 25.97 5.32 -13.55
CA GLY D 21 26.29 6.74 -13.69
C GLY D 21 27.69 7.05 -13.19
N ARG D 22 28.07 6.38 -12.10
CA ARG D 22 29.40 6.58 -11.52
C ARG D 22 30.45 6.12 -12.53
N LYS D 23 30.20 4.98 -13.16
CA LYS D 23 31.13 4.43 -14.13
C LYS D 23 31.31 5.34 -15.34
N ALA D 24 30.23 6.02 -15.74
CA ALA D 24 30.28 6.91 -16.90
C ALA D 24 31.11 8.16 -16.64
N ARG D 25 31.36 8.45 -15.37
CA ARG D 25 32.16 9.61 -14.98
C ARG D 25 31.68 10.91 -15.63
N GLY D 26 30.37 11.16 -15.56
CA GLY D 26 29.82 12.37 -16.13
C GLY D 26 29.41 13.41 -15.10
N THR D 27 28.38 14.18 -15.41
CA THR D 27 27.89 15.21 -14.50
C THR D 27 26.85 14.70 -13.51
N GLY D 28 26.32 13.52 -13.77
CA GLY D 28 25.31 12.93 -12.90
C GLY D 28 23.90 13.30 -13.32
N GLU D 29 23.78 14.07 -14.40
CA GLU D 29 22.48 14.47 -14.90
C GLU D 29 21.54 13.30 -15.25
N LEU D 30 22.03 12.37 -16.08
CA LEU D 30 21.20 11.24 -16.48
C LEU D 30 20.74 10.44 -15.26
N THR D 31 21.56 10.41 -14.21
CA THR D 31 21.19 9.72 -12.99
C THR D 31 19.97 10.40 -12.39
N GLN D 32 20.02 11.72 -12.31
CA GLN D 32 18.91 12.49 -11.76
C GLN D 32 17.66 12.40 -12.62
N LEU D 33 17.87 12.31 -13.94
CA LEU D 33 16.76 12.20 -14.88
C LEU D 33 16.07 10.86 -14.67
N LEU D 34 16.86 9.79 -14.61
CA LEU D 34 16.33 8.45 -14.42
C LEU D 34 15.64 8.28 -13.06
N ASN D 35 16.21 8.88 -12.02
CA ASN D 35 15.64 8.81 -10.67
C ASN D 35 14.28 9.48 -10.70
N SER D 36 14.20 10.63 -11.38
CA SER D 36 12.95 11.37 -11.46
C SER D 36 11.91 10.58 -12.23
N LEU D 37 12.35 9.93 -13.29
CA LEU D 37 11.48 9.13 -14.13
C LEU D 37 10.93 7.99 -13.28
N CYS D 38 11.82 7.37 -12.52
CA CYS D 38 11.47 6.25 -11.64
C CYS D 38 10.37 6.67 -10.67
N THR D 39 10.53 7.82 -10.05
CA THR D 39 9.53 8.33 -9.11
C THR D 39 8.20 8.58 -9.82
N ALA D 40 8.25 9.14 -11.01
CA ALA D 40 7.02 9.41 -11.76
C ALA D 40 6.28 8.10 -12.08
N VAL D 41 7.04 7.06 -12.43
CA VAL D 41 6.44 5.78 -12.77
C VAL D 41 5.71 5.16 -11.57
N LYS D 42 6.32 5.24 -10.37
CA LYS D 42 5.67 4.69 -9.19
C LYS D 42 4.38 5.45 -8.90
N ALA D 43 4.38 6.76 -9.16
CA ALA D 43 3.20 7.59 -8.95
C ALA D 43 2.11 7.23 -9.96
N ILE D 44 2.52 6.96 -11.19
CA ILE D 44 1.56 6.60 -12.23
C ILE D 44 0.98 5.23 -11.87
N SER D 45 1.85 4.32 -11.46
CA SER D 45 1.39 2.98 -11.09
C SER D 45 0.34 3.06 -9.98
N SER D 46 0.62 3.85 -8.95
CA SER D 46 -0.33 4.00 -7.84
C SER D 46 -1.68 4.49 -8.36
N ALA D 47 -1.67 5.46 -9.27
CA ALA D 47 -2.92 5.99 -9.79
C ALA D 47 -3.62 4.98 -10.70
N VAL D 48 -2.84 4.21 -11.46
CA VAL D 48 -3.41 3.21 -12.36
C VAL D 48 -4.09 2.10 -11.56
N ARG D 49 -3.50 1.70 -10.45
CA ARG D 49 -4.12 0.65 -9.63
C ARG D 49 -5.31 1.21 -8.85
N LYS D 50 -5.65 2.46 -9.15
CA LYS D 50 -6.79 3.15 -8.53
C LYS D 50 -6.74 3.48 -7.04
N ALA D 51 -5.56 3.80 -6.53
CA ALA D 51 -5.44 4.17 -5.13
C ALA D 51 -6.33 5.38 -4.87
N GLY D 52 -7.10 5.35 -3.79
CA GLY D 52 -7.96 6.48 -3.46
C GLY D 52 -9.22 6.66 -4.29
N ILE D 53 -9.55 5.70 -5.15
CA ILE D 53 -10.75 5.83 -5.96
C ILE D 53 -11.98 5.95 -5.07
N ALA D 54 -11.87 5.47 -3.83
CA ALA D 54 -12.97 5.53 -2.89
C ALA D 54 -13.40 6.98 -2.61
N HIS D 55 -12.44 7.90 -2.62
CA HIS D 55 -12.77 9.31 -2.37
C HIS D 55 -13.50 9.89 -3.57
N LEU D 56 -13.24 9.35 -4.76
CA LEU D 56 -13.93 9.83 -5.94
C LEU D 56 -15.38 9.38 -5.88
N TYR D 57 -15.65 8.33 -5.13
CA TYR D 57 -17.02 7.83 -5.02
C TYR D 57 -17.79 8.22 -3.77
N GLY D 58 -17.29 9.23 -3.06
CA GLY D 58 -17.99 9.74 -1.89
C GLY D 58 -17.79 9.10 -0.53
N ILE D 59 -16.71 8.37 -0.33
CA ILE D 59 -16.50 7.73 0.97
C ILE D 59 -16.48 8.80 2.08
N ALA D 60 -16.01 10.00 1.75
CA ALA D 60 -15.95 11.09 2.71
C ALA D 60 -17.06 12.12 2.49
N GLY D 61 -18.09 11.74 1.73
CA GLY D 61 -19.19 12.65 1.45
C GLY D 61 -19.02 13.50 0.20
N LYS D 71 -9.31 15.71 -15.15
CA LYS D 71 -9.54 14.59 -14.24
C LYS D 71 -9.38 13.27 -14.99
N LYS D 72 -8.25 13.08 -15.67
CA LYS D 72 -8.05 11.85 -16.42
C LYS D 72 -6.68 11.24 -16.13
N LEU D 73 -6.63 9.91 -16.12
CA LEU D 73 -5.38 9.20 -15.84
C LEU D 73 -4.27 9.58 -16.81
N ASP D 74 -4.60 9.71 -18.09
CA ASP D 74 -3.62 10.09 -19.11
C ASP D 74 -3.02 11.47 -18.84
N VAL D 75 -3.89 12.40 -18.48
CA VAL D 75 -3.43 13.75 -18.21
C VAL D 75 -2.61 13.78 -16.93
N LEU D 76 -3.06 13.04 -15.91
CA LEU D 76 -2.31 13.01 -14.66
C LEU D 76 -0.94 12.39 -14.90
N SER D 77 -0.89 11.30 -15.65
CA SER D 77 0.36 10.62 -15.97
C SER D 77 1.30 11.56 -16.69
N ASN D 78 0.76 12.31 -17.65
CA ASN D 78 1.56 13.26 -18.42
C ASN D 78 2.10 14.34 -17.49
N ASP D 79 1.27 14.83 -16.57
CA ASP D 79 1.71 15.86 -15.62
C ASP D 79 2.82 15.33 -14.74
N LEU D 80 2.67 14.10 -14.25
CA LEU D 80 3.69 13.50 -13.39
C LEU D 80 5.05 13.43 -14.07
N VAL D 81 5.10 12.86 -15.27
CA VAL D 81 6.35 12.76 -16.00
C VAL D 81 6.92 14.15 -16.30
N MET D 82 6.08 15.04 -16.85
CA MET D 82 6.49 16.39 -17.18
C MET D 82 7.13 17.10 -15.99
N ASN D 83 6.40 17.12 -14.88
CA ASN D 83 6.89 17.78 -13.68
C ASN D 83 8.16 17.17 -13.09
N MET D 84 8.22 15.84 -13.02
CA MET D 84 9.42 15.19 -12.48
C MET D 84 10.63 15.45 -13.36
N LEU D 85 10.44 15.36 -14.68
CA LEU D 85 11.54 15.57 -15.60
C LEU D 85 12.04 17.02 -15.57
N LYS D 86 11.11 17.98 -15.58
CA LYS D 86 11.51 19.38 -15.54
C LYS D 86 12.27 19.66 -14.27
N SER D 87 11.72 19.22 -13.13
CA SER D 87 12.35 19.46 -11.84
C SER D 87 13.65 18.69 -11.62
N SER D 88 14.03 17.84 -12.56
CA SER D 88 15.27 17.08 -12.43
C SER D 88 16.48 17.93 -12.86
N PHE D 89 16.21 19.01 -13.58
CA PHE D 89 17.27 19.90 -14.08
C PHE D 89 18.17 19.17 -15.08
N ALA D 90 17.72 18.03 -15.60
CA ALA D 90 18.54 17.28 -16.55
C ALA D 90 18.02 17.31 -17.99
N THR D 91 16.89 17.98 -18.23
CA THR D 91 16.28 18.02 -19.56
C THR D 91 16.10 19.42 -20.12
N CYS D 92 15.87 19.52 -21.44
CA CYS D 92 15.65 20.80 -22.08
C CYS D 92 14.49 20.77 -23.07
N VAL D 93 14.26 19.60 -23.68
CA VAL D 93 13.15 19.45 -24.62
C VAL D 93 12.40 18.16 -24.29
N LEU D 94 11.09 18.27 -24.15
CA LEU D 94 10.25 17.13 -23.83
C LEU D 94 9.14 16.93 -24.85
N VAL D 95 9.10 15.75 -25.44
CA VAL D 95 8.07 15.43 -26.43
C VAL D 95 7.18 14.34 -25.86
N SER D 96 5.89 14.64 -25.78
CA SER D 96 4.92 13.69 -25.25
C SER D 96 3.78 13.44 -26.21
N GLU D 97 3.29 12.21 -26.15
CA GLU D 97 2.19 11.72 -26.97
C GLU D 97 0.91 12.50 -26.65
N GLU D 98 0.88 13.17 -25.49
CA GLU D 98 -0.27 13.96 -25.07
C GLU D 98 -0.22 15.42 -25.50
N ASP D 99 0.95 15.89 -25.93
CA ASP D 99 1.08 17.28 -26.33
C ASP D 99 1.39 17.46 -27.82
N LYS D 100 0.70 18.42 -28.44
CA LYS D 100 0.86 18.72 -29.85
C LYS D 100 2.26 19.24 -30.19
N HIS D 101 2.76 20.15 -29.36
CA HIS D 101 4.08 20.73 -29.57
C HIS D 101 5.06 20.25 -28.53
N ALA D 102 6.34 20.27 -28.91
CA ALA D 102 7.40 19.87 -27.99
C ALA D 102 7.42 20.88 -26.84
N ILE D 103 7.56 20.39 -25.62
CA ILE D 103 7.62 21.28 -24.48
C ILE D 103 9.07 21.71 -24.29
N ILE D 104 9.28 23.00 -24.07
CA ILE D 104 10.62 23.53 -23.87
C ILE D 104 10.74 23.87 -22.40
N VAL D 105 11.71 23.24 -21.73
CA VAL D 105 11.93 23.48 -20.31
C VAL D 105 12.44 24.91 -20.11
N GLU D 106 11.94 25.57 -19.08
CA GLU D 106 12.34 26.92 -18.76
C GLU D 106 13.85 26.93 -18.53
N PRO D 107 14.52 28.02 -18.91
CA PRO D 107 15.98 28.21 -18.78
C PRO D 107 16.60 27.77 -17.46
N GLU D 108 16.00 28.16 -16.34
CA GLU D 108 16.52 27.83 -15.02
C GLU D 108 16.48 26.36 -14.61
N LYS D 109 15.88 25.52 -15.44
CA LYS D 109 15.79 24.10 -15.11
C LYS D 109 16.31 23.22 -16.23
N ARG D 110 16.96 23.84 -17.21
CA ARG D 110 17.46 23.11 -18.37
C ARG D 110 18.68 22.23 -18.16
N GLY D 111 18.59 21.01 -18.69
CA GLY D 111 19.65 20.03 -18.62
C GLY D 111 20.01 19.71 -20.06
N LYS D 112 20.93 18.79 -20.27
CA LYS D 112 21.36 18.46 -21.63
C LYS D 112 20.61 17.33 -22.34
N TYR D 113 19.58 16.77 -21.71
CA TYR D 113 18.85 15.66 -22.31
C TYR D 113 17.49 16.01 -22.90
N VAL D 114 17.12 15.24 -23.92
CA VAL D 114 15.85 15.37 -24.61
C VAL D 114 15.11 14.06 -24.36
N VAL D 115 13.86 14.16 -23.95
CA VAL D 115 13.08 12.96 -23.66
C VAL D 115 11.78 12.91 -24.43
N CYS D 116 11.56 11.77 -25.10
CA CYS D 116 10.35 11.56 -25.88
C CYS D 116 9.63 10.44 -25.13
N PHE D 117 8.34 10.62 -24.84
CA PHE D 117 7.64 9.58 -24.10
C PHE D 117 6.14 9.53 -24.30
N ASP D 118 5.57 8.39 -23.97
CA ASP D 118 4.13 8.16 -24.03
C ASP D 118 3.81 7.86 -22.56
N PRO D 119 3.27 8.86 -21.83
CA PRO D 119 2.92 8.70 -20.41
C PRO D 119 2.08 7.51 -20.03
N LEU D 120 1.05 7.19 -20.81
CA LEU D 120 0.21 6.03 -20.50
C LEU D 120 -0.27 5.36 -21.78
N ASP D 121 0.60 4.54 -22.35
CA ASP D 121 0.30 3.80 -23.57
C ASP D 121 -0.82 2.78 -23.38
N GLY D 122 -1.81 2.83 -24.27
CA GLY D 122 -2.94 1.92 -24.20
C GLY D 122 -4.05 2.40 -23.28
N SER D 123 -3.95 3.65 -22.84
CA SER D 123 -4.96 4.21 -21.93
C SER D 123 -6.30 4.50 -22.60
N SER D 124 -6.43 4.11 -23.87
CA SER D 124 -7.67 4.33 -24.61
C SER D 124 -8.69 3.23 -24.27
N ASN D 125 -8.21 2.06 -23.85
CA ASN D 125 -9.11 0.96 -23.50
C ASN D 125 -9.10 0.67 -21.99
N ILE D 126 -8.40 1.52 -21.24
CA ILE D 126 -8.27 1.41 -19.79
C ILE D 126 -9.58 1.04 -19.10
N ASP D 127 -10.71 1.29 -19.76
CA ASP D 127 -12.01 0.97 -19.18
C ASP D 127 -12.19 -0.54 -18.96
N CYS D 128 -11.45 -1.36 -19.70
CA CYS D 128 -11.56 -2.80 -19.55
C CYS D 128 -10.42 -3.35 -18.69
N LEU D 129 -9.68 -2.44 -18.06
CA LEU D 129 -8.56 -2.77 -17.18
C LEU D 129 -7.42 -3.51 -17.91
N VAL D 130 -7.32 -3.27 -19.21
CA VAL D 130 -6.26 -3.86 -20.02
C VAL D 130 -4.93 -3.26 -19.54
N SER D 131 -3.85 -4.03 -19.68
CA SER D 131 -2.53 -3.54 -19.28
C SER D 131 -2.23 -2.22 -19.98
N VAL D 132 -1.56 -1.32 -19.27
CA VAL D 132 -1.15 -0.06 -19.85
C VAL D 132 0.30 0.15 -19.46
N GLY D 133 0.95 1.15 -20.05
CA GLY D 133 2.34 1.38 -19.72
C GLY D 133 2.85 2.75 -20.09
N THR D 134 4.11 2.99 -19.75
CA THR D 134 4.77 4.25 -20.05
C THR D 134 6.00 3.93 -20.89
N ILE D 135 6.12 4.59 -22.05
CA ILE D 135 7.27 4.36 -22.93
C ILE D 135 8.09 5.63 -23.00
N PHE D 136 9.43 5.48 -23.00
CA PHE D 136 10.29 6.63 -23.04
C PHE D 136 11.59 6.38 -23.81
N GLY D 137 12.14 7.46 -24.36
CA GLY D 137 13.38 7.40 -25.11
C GLY D 137 14.17 8.64 -24.73
N ILE D 138 15.44 8.45 -24.41
CA ILE D 138 16.29 9.56 -23.98
C ILE D 138 17.42 9.85 -24.94
N TYR D 139 17.53 11.11 -25.35
CA TYR D 139 18.57 11.55 -26.27
C TYR D 139 19.38 12.66 -25.63
N ARG D 140 20.60 12.83 -26.13
CA ARG D 140 21.47 13.89 -25.65
C ARG D 140 21.29 15.02 -26.67
N LYS D 141 21.04 16.25 -26.21
CA LYS D 141 20.87 17.37 -27.14
C LYS D 141 22.17 17.46 -27.94
N LYS D 142 22.09 17.34 -29.26
CA LYS D 142 23.29 17.37 -30.09
C LYS D 142 23.79 18.75 -30.52
N SER D 143 22.93 19.76 -30.43
CA SER D 143 23.31 21.10 -30.84
C SER D 143 23.24 22.09 -29.68
N THR D 144 23.94 23.21 -29.88
CA THR D 144 24.04 24.28 -28.91
C THR D 144 22.95 25.32 -29.12
N ASP D 145 22.17 25.15 -30.19
CA ASP D 145 21.09 26.05 -30.53
C ASP D 145 20.07 26.13 -29.42
N GLU D 146 19.36 27.25 -29.33
CA GLU D 146 18.32 27.33 -28.32
C GLU D 146 17.47 26.05 -28.48
N PRO D 147 17.14 25.39 -27.36
CA PRO D 147 16.34 24.17 -27.42
C PRO D 147 15.03 24.37 -28.17
N SER D 148 14.72 23.44 -29.07
CA SER D 148 13.48 23.51 -29.84
C SER D 148 13.03 22.10 -30.21
N GLU D 149 11.90 22.00 -30.91
CA GLU D 149 11.38 20.70 -31.32
C GLU D 149 12.40 19.95 -32.18
N LYS D 150 13.26 20.70 -32.86
CA LYS D 150 14.27 20.09 -33.72
C LYS D 150 15.19 19.12 -32.99
N ASP D 151 15.43 19.36 -31.71
CA ASP D 151 16.32 18.52 -30.92
C ASP D 151 15.76 17.12 -30.67
N ALA D 152 14.47 16.93 -30.93
CA ALA D 152 13.86 15.62 -30.70
C ALA D 152 13.74 14.86 -32.03
N LEU D 153 14.26 15.46 -33.09
CA LEU D 153 14.21 14.86 -34.41
C LEU D 153 15.49 14.10 -34.71
N GLN D 154 15.85 13.18 -33.82
CA GLN D 154 17.04 12.38 -33.98
C GLN D 154 16.65 10.94 -34.26
N PRO D 155 17.46 10.23 -35.04
CA PRO D 155 17.16 8.83 -35.35
C PRO D 155 17.32 8.02 -34.06
N GLY D 156 16.48 7.01 -33.86
CA GLY D 156 16.59 6.19 -32.66
C GLY D 156 17.98 5.64 -32.42
N ARG D 157 18.81 5.64 -33.45
CA ARG D 157 20.17 5.14 -33.35
C ARG D 157 20.98 5.96 -32.33
N ASN D 158 20.58 7.21 -32.11
CA ASN D 158 21.26 8.10 -31.18
C ASN D 158 20.84 7.94 -29.73
N LEU D 159 19.85 7.09 -29.46
CA LEU D 159 19.37 6.91 -28.10
C LEU D 159 20.47 6.60 -27.09
N VAL D 160 20.40 7.22 -25.92
CA VAL D 160 21.38 6.96 -24.86
C VAL D 160 20.77 5.96 -23.89
N ALA D 161 19.45 5.93 -23.85
CA ALA D 161 18.71 5.03 -22.97
C ALA D 161 17.25 5.06 -23.36
N ALA D 162 16.55 3.96 -23.12
CA ALA D 162 15.14 3.85 -23.44
C ALA D 162 14.54 2.68 -22.69
N GLY D 163 13.22 2.65 -22.63
CA GLY D 163 12.57 1.56 -21.94
C GLY D 163 11.11 1.85 -21.73
N TYR D 164 10.50 1.11 -20.81
CA TYR D 164 9.10 1.29 -20.54
C TYR D 164 8.74 0.72 -19.20
N ALA D 165 7.56 1.09 -18.73
CA ALA D 165 7.05 0.58 -17.47
C ALA D 165 5.75 -0.10 -17.87
N LEU D 166 5.58 -1.34 -17.42
CA LEU D 166 4.36 -2.08 -17.71
C LEU D 166 3.53 -2.16 -16.44
N TYR D 167 2.30 -1.68 -16.51
CA TYR D 167 1.40 -1.73 -15.37
C TYR D 167 0.43 -2.89 -15.62
N GLY D 168 0.94 -4.12 -15.48
CA GLY D 168 0.09 -5.29 -15.70
C GLY D 168 -0.29 -5.99 -14.41
N SER D 169 -0.17 -7.32 -14.39
CA SER D 169 -0.49 -8.10 -13.19
C SER D 169 0.35 -7.48 -12.07
N ALA D 170 1.56 -7.06 -12.43
CA ALA D 170 2.46 -6.40 -11.51
C ALA D 170 3.14 -5.29 -12.31
N THR D 171 3.81 -4.38 -11.64
CA THR D 171 4.50 -3.29 -12.32
C THR D 171 5.98 -3.59 -12.53
N MET D 172 6.41 -3.46 -13.78
CA MET D 172 7.80 -3.71 -14.11
C MET D 172 8.37 -2.60 -14.99
N LEU D 173 9.63 -2.27 -14.76
CA LEU D 173 10.31 -1.24 -15.51
C LEU D 173 11.44 -1.91 -16.30
N VAL D 174 11.38 -1.82 -17.62
CA VAL D 174 12.39 -2.40 -18.49
C VAL D 174 13.28 -1.24 -18.96
N LEU D 175 14.56 -1.29 -18.61
CA LEU D 175 15.49 -0.24 -18.97
C LEU D 175 16.60 -0.73 -19.87
N ALA D 176 16.72 -0.12 -21.04
CA ALA D 176 17.76 -0.52 -21.98
C ALA D 176 18.78 0.60 -22.17
N MET D 177 20.04 0.20 -22.18
CA MET D 177 21.16 1.11 -22.38
C MET D 177 22.23 0.32 -23.13
N ASP D 178 23.37 0.94 -23.37
CA ASP D 178 24.45 0.27 -24.08
C ASP D 178 24.86 -1.04 -23.40
N CYS D 179 24.83 -1.06 -22.08
CA CYS D 179 25.20 -2.27 -21.33
C CYS D 179 24.17 -3.40 -21.43
N GLY D 180 23.05 -3.14 -22.08
CA GLY D 180 22.04 -4.18 -22.22
C GLY D 180 20.68 -3.80 -21.65
N VAL D 181 19.82 -4.80 -21.50
CA VAL D 181 18.46 -4.64 -21.00
C VAL D 181 18.28 -5.25 -19.62
N ASN D 182 17.77 -4.48 -18.67
CA ASN D 182 17.53 -4.99 -17.33
C ASN D 182 16.10 -4.74 -16.88
N CYS D 183 15.50 -5.74 -16.24
CA CYS D 183 14.11 -5.65 -15.80
C CYS D 183 13.96 -5.55 -14.28
N PHE D 184 13.24 -4.52 -13.85
CA PHE D 184 13.02 -4.27 -12.43
C PHE D 184 11.54 -4.42 -12.04
N MET D 185 11.29 -5.14 -10.95
CA MET D 185 9.92 -5.34 -10.48
C MET D 185 9.64 -4.38 -9.34
N LEU D 186 8.52 -3.68 -9.41
CA LEU D 186 8.15 -2.74 -8.37
C LEU D 186 7.53 -3.48 -7.18
N ASP D 187 8.15 -3.36 -6.01
CA ASP D 187 7.62 -3.98 -4.79
C ASP D 187 6.77 -2.88 -4.15
N PRO D 188 5.43 -3.00 -4.25
CA PRO D 188 4.50 -2.01 -3.68
C PRO D 188 4.61 -1.79 -2.18
N ALA D 189 5.10 -2.79 -1.45
CA ALA D 189 5.23 -2.66 0.00
C ALA D 189 6.25 -1.60 0.41
N ILE D 190 7.29 -1.42 -0.38
CA ILE D 190 8.33 -0.45 -0.04
C ILE D 190 8.61 0.55 -1.15
N GLY D 191 7.81 0.51 -2.20
CA GLY D 191 8.00 1.42 -3.31
C GLY D 191 9.42 1.38 -3.83
N GLU D 192 9.90 0.19 -4.17
CA GLU D 192 11.24 0.02 -4.68
C GLU D 192 11.26 -0.93 -5.89
N PHE D 193 12.01 -0.57 -6.92
CA PHE D 193 12.13 -1.38 -8.12
C PHE D 193 13.29 -2.35 -7.91
N ILE D 194 12.95 -3.63 -7.79
CA ILE D 194 13.94 -4.67 -7.56
C ILE D 194 14.38 -5.31 -8.88
N LEU D 195 15.69 -5.42 -9.08
CA LEU D 195 16.24 -6.03 -10.28
C LEU D 195 16.00 -7.52 -10.23
N VAL D 196 15.24 -8.05 -11.18
CA VAL D 196 14.94 -9.48 -11.20
C VAL D 196 15.43 -10.20 -12.46
N ASP D 197 15.85 -9.44 -13.46
CA ASP D 197 16.35 -10.01 -14.73
C ASP D 197 17.48 -9.17 -15.30
N LYS D 198 18.70 -9.69 -15.21
CA LYS D 198 19.87 -8.98 -15.70
C LYS D 198 20.27 -9.35 -17.12
N ASP D 199 20.70 -8.34 -17.88
CA ASP D 199 21.15 -8.50 -19.24
C ASP D 199 20.26 -9.49 -20.03
N VAL D 200 19.00 -9.13 -20.15
CA VAL D 200 18.03 -9.96 -20.84
C VAL D 200 18.25 -10.05 -22.35
N LYS D 201 18.05 -11.24 -22.89
CA LYS D 201 18.20 -11.49 -24.31
C LYS D 201 16.95 -12.21 -24.81
N ILE D 202 16.40 -11.75 -25.92
CA ILE D 202 15.20 -12.35 -26.48
C ILE D 202 15.53 -13.69 -27.15
N LYS D 203 14.57 -14.60 -27.16
CA LYS D 203 14.74 -15.90 -27.78
C LYS D 203 15.07 -15.71 -29.27
N LYS D 204 15.90 -16.58 -29.83
CA LYS D 204 16.27 -16.49 -31.22
C LYS D 204 15.04 -16.62 -32.13
N LYS D 205 14.13 -17.51 -31.77
CA LYS D 205 12.91 -17.73 -32.54
C LYS D 205 11.77 -18.06 -31.59
N GLY D 206 10.61 -17.47 -31.83
CA GLY D 206 9.46 -17.72 -30.97
C GLY D 206 8.36 -18.53 -31.61
N LYS D 207 7.22 -18.65 -30.92
CA LYS D 207 6.07 -19.42 -31.41
C LYS D 207 4.77 -18.62 -31.28
N ILE D 208 4.90 -17.30 -31.23
CA ILE D 208 3.75 -16.43 -31.09
C ILE D 208 3.85 -15.24 -32.03
N TYR D 209 2.73 -14.93 -32.71
CA TYR D 209 2.68 -13.78 -33.60
C TYR D 209 1.60 -12.86 -33.02
N SER D 210 1.85 -11.55 -33.07
CA SER D 210 0.92 -10.57 -32.51
C SER D 210 0.62 -9.39 -33.42
N LEU D 211 -0.65 -9.19 -33.73
CA LEU D 211 -1.13 -8.08 -34.57
C LEU D 211 -2.65 -8.11 -34.62
N ASN D 212 -3.25 -6.97 -34.96
CA ASN D 212 -4.70 -6.88 -35.05
C ASN D 212 -5.15 -7.46 -36.38
N GLU D 213 -5.66 -8.69 -36.37
CA GLU D 213 -6.10 -9.32 -37.60
C GLU D 213 -7.43 -8.80 -38.12
N GLY D 214 -8.03 -7.88 -37.37
CA GLY D 214 -9.29 -7.30 -37.81
C GLY D 214 -9.06 -6.44 -39.03
N TYR D 215 -7.79 -6.11 -39.29
CA TYR D 215 -7.39 -5.30 -40.44
C TYR D 215 -7.04 -6.17 -41.64
N ALA D 216 -7.25 -7.47 -41.53
CA ALA D 216 -6.92 -8.41 -42.60
C ALA D 216 -7.28 -7.90 -43.99
N LYS D 217 -8.50 -7.39 -44.15
CA LYS D 217 -8.96 -6.88 -45.44
C LYS D 217 -8.05 -5.83 -46.04
N ASP D 218 -7.41 -5.02 -45.21
CA ASP D 218 -6.53 -3.99 -45.73
C ASP D 218 -5.04 -4.30 -45.64
N PHE D 219 -4.71 -5.53 -45.25
CA PHE D 219 -3.31 -5.96 -45.14
C PHE D 219 -2.54 -5.84 -46.44
N ASP D 220 -1.25 -5.60 -46.31
CA ASP D 220 -0.36 -5.53 -47.45
C ASP D 220 -0.16 -7.01 -47.78
N PRO D 221 0.01 -7.36 -49.06
CA PRO D 221 0.20 -8.76 -49.46
C PRO D 221 1.27 -9.52 -48.66
N ALA D 222 2.38 -8.86 -48.35
CA ALA D 222 3.45 -9.51 -47.61
C ALA D 222 2.98 -9.88 -46.20
N VAL D 223 2.25 -8.98 -45.55
CA VAL D 223 1.75 -9.24 -44.22
C VAL D 223 0.75 -10.39 -44.29
N THR D 224 -0.11 -10.37 -45.30
CA THR D 224 -1.10 -11.44 -45.46
C THR D 224 -0.44 -12.80 -45.65
N GLU D 225 0.62 -12.86 -46.45
CA GLU D 225 1.31 -14.12 -46.66
C GLU D 225 2.08 -14.58 -45.43
N TYR D 226 2.74 -13.63 -44.75
CA TYR D 226 3.49 -13.99 -43.57
C TYR D 226 2.59 -14.59 -42.49
N ILE D 227 1.47 -13.93 -42.21
CA ILE D 227 0.54 -14.43 -41.20
C ILE D 227 0.00 -15.79 -41.64
N GLN D 228 -0.22 -15.94 -42.94
CA GLN D 228 -0.71 -17.20 -43.47
C GLN D 228 0.31 -18.32 -43.22
N ARG D 229 1.60 -17.98 -43.22
CA ARG D 229 2.63 -18.98 -42.97
C ARG D 229 2.71 -19.37 -41.49
N LYS D 230 2.27 -18.46 -40.62
CA LYS D 230 2.27 -18.72 -39.18
C LYS D 230 1.11 -19.67 -38.82
N LYS D 231 0.00 -19.53 -39.54
CA LYS D 231 -1.18 -20.36 -39.30
C LYS D 231 -1.11 -21.70 -40.05
N PHE D 232 -0.60 -21.66 -41.27
CA PHE D 232 -0.48 -22.86 -42.08
C PHE D 232 0.98 -23.02 -42.51
N PRO D 233 1.83 -23.45 -41.58
CA PRO D 233 3.26 -23.64 -41.88
C PRO D 233 3.43 -24.55 -43.10
N PRO D 234 3.95 -24.00 -44.20
CA PRO D 234 4.15 -24.83 -45.40
C PRO D 234 4.97 -26.09 -45.16
N ASP D 235 5.78 -26.11 -44.10
CA ASP D 235 6.57 -27.30 -43.80
C ASP D 235 5.85 -28.22 -42.81
N ASN D 236 4.57 -27.89 -42.55
CA ASN D 236 3.73 -28.66 -41.65
C ASN D 236 4.16 -28.71 -40.18
N SER D 237 5.02 -27.78 -39.78
CA SER D 237 5.46 -27.71 -38.39
C SER D 237 4.28 -27.13 -37.60
N ALA D 238 4.43 -27.03 -36.28
CA ALA D 238 3.34 -26.52 -35.45
C ALA D 238 3.06 -25.04 -35.70
N PRO D 239 1.79 -24.69 -35.94
CA PRO D 239 1.44 -23.28 -36.17
C PRO D 239 1.70 -22.42 -34.93
N TYR D 240 2.06 -21.16 -35.16
CA TYR D 240 2.30 -20.22 -34.07
C TYR D 240 0.99 -19.89 -33.35
N GLY D 241 1.10 -19.53 -32.08
CA GLY D 241 -0.07 -19.14 -31.32
C GLY D 241 -0.26 -17.64 -31.53
N ALA D 242 -1.47 -17.13 -31.34
CA ALA D 242 -1.74 -15.70 -31.53
C ALA D 242 -2.11 -14.97 -30.25
N ARG D 243 -1.55 -13.78 -30.08
CA ARG D 243 -1.83 -12.93 -28.93
C ARG D 243 -1.83 -11.48 -29.38
N TYR D 244 -2.82 -10.72 -28.96
CA TYR D 244 -2.87 -9.31 -29.29
C TYR D 244 -3.67 -8.59 -28.21
N VAL D 245 -2.94 -7.95 -27.30
CA VAL D 245 -3.55 -7.23 -26.20
C VAL D 245 -4.13 -5.89 -26.66
N GLY D 246 -3.44 -5.23 -27.58
CA GLY D 246 -3.90 -3.94 -28.07
C GLY D 246 -3.16 -2.79 -27.41
N SER D 247 -2.28 -3.13 -26.48
CA SER D 247 -1.46 -2.16 -25.77
C SER D 247 -0.03 -2.52 -26.17
N MET D 248 0.66 -1.58 -26.83
CA MET D 248 2.01 -1.85 -27.30
C MET D 248 3.00 -2.35 -26.26
N VAL D 249 3.03 -1.71 -25.10
CA VAL D 249 3.95 -2.11 -24.05
C VAL D 249 3.71 -3.54 -23.63
N ALA D 250 2.45 -3.93 -23.52
CA ALA D 250 2.12 -5.29 -23.13
C ALA D 250 2.52 -6.30 -24.21
N ASP D 251 2.17 -6.01 -25.45
CA ASP D 251 2.51 -6.91 -26.54
C ASP D 251 4.02 -7.02 -26.76
N VAL D 252 4.72 -5.90 -26.67
CA VAL D 252 6.17 -5.92 -26.85
C VAL D 252 6.85 -6.64 -25.70
N HIS D 253 6.39 -6.42 -24.48
CA HIS D 253 7.01 -7.08 -23.34
C HIS D 253 6.85 -8.60 -23.43
N ARG D 254 5.68 -9.06 -23.85
CA ARG D 254 5.45 -10.51 -23.98
C ARG D 254 6.43 -11.05 -25.03
N THR D 255 6.60 -10.29 -26.11
CA THR D 255 7.50 -10.67 -27.19
C THR D 255 8.93 -10.82 -26.66
N LEU D 256 9.36 -9.86 -25.84
CA LEU D 256 10.69 -9.90 -25.25
C LEU D 256 10.86 -11.12 -24.33
N VAL D 257 9.87 -11.36 -23.48
CA VAL D 257 9.89 -12.45 -22.51
C VAL D 257 9.73 -13.85 -23.12
N TYR D 258 8.75 -14.01 -23.98
CA TYR D 258 8.48 -15.31 -24.61
C TYR D 258 9.05 -15.49 -26.00
N GLY D 259 9.44 -14.39 -26.63
CA GLY D 259 9.97 -14.48 -27.98
C GLY D 259 8.82 -14.41 -28.97
N GLY D 260 9.14 -14.39 -30.25
CA GLY D 260 8.12 -14.32 -31.27
C GLY D 260 8.21 -13.04 -32.06
N ILE D 261 7.08 -12.59 -32.60
CA ILE D 261 7.07 -11.37 -33.39
C ILE D 261 5.83 -10.50 -33.19
N PHE D 262 6.03 -9.19 -33.25
CA PHE D 262 4.96 -8.22 -33.10
C PHE D 262 4.89 -7.33 -34.34
N LEU D 263 3.68 -7.14 -34.86
CA LEU D 263 3.55 -6.30 -36.05
C LEU D 263 2.45 -5.26 -36.01
N TYR D 264 2.78 -4.09 -36.56
CA TYR D 264 1.83 -3.00 -36.74
C TYR D 264 2.35 -2.37 -38.02
N PRO D 265 2.16 -3.07 -39.14
CA PRO D 265 2.58 -2.66 -40.47
C PRO D 265 1.78 -1.57 -41.13
N ALA D 266 2.36 -1.14 -42.24
CA ALA D 266 1.81 -0.13 -43.11
C ALA D 266 0.97 -0.84 -44.17
N ASN D 267 0.05 -0.08 -44.76
CA ASN D 267 -0.84 -0.58 -45.79
C ASN D 267 -1.16 0.60 -46.69
N LYS D 268 -1.93 0.38 -47.75
CA LYS D 268 -2.28 1.47 -48.66
C LYS D 268 -2.93 2.66 -47.96
N LYS D 269 -3.81 2.38 -47.00
CA LYS D 269 -4.52 3.43 -46.26
C LYS D 269 -3.60 4.12 -45.25
N SER D 270 -2.56 3.43 -44.79
CA SER D 270 -1.61 3.98 -43.83
C SER D 270 -0.17 3.61 -44.22
N PRO D 271 0.37 4.25 -45.28
CA PRO D 271 1.72 4.05 -45.81
C PRO D 271 2.84 4.07 -44.78
N ASN D 272 2.61 4.75 -43.66
CA ASN D 272 3.62 4.85 -42.62
C ASN D 272 3.23 4.19 -41.30
N GLY D 273 2.12 3.46 -41.29
CA GLY D 273 1.71 2.79 -40.06
C GLY D 273 0.89 3.67 -39.15
N LYS D 274 0.65 3.20 -37.92
CA LYS D 274 -0.13 3.97 -36.97
C LYS D 274 0.65 4.35 -35.72
N LEU D 275 1.57 3.49 -35.30
CA LEU D 275 2.36 3.78 -34.11
C LEU D 275 3.28 4.96 -34.39
N ARG D 276 3.59 5.73 -33.35
CA ARG D 276 4.47 6.89 -33.49
C ARG D 276 5.94 6.51 -33.35
N LEU D 277 6.77 7.08 -34.22
CA LEU D 277 8.20 6.79 -34.23
C LEU D 277 8.99 7.26 -33.00
N LEU D 278 8.82 8.51 -32.61
CA LEU D 278 9.57 9.07 -31.49
C LEU D 278 9.40 8.47 -30.10
N TYR D 279 8.15 8.23 -29.70
CA TYR D 279 7.89 7.71 -28.36
C TYR D 279 7.25 6.32 -28.25
N GLU D 280 7.15 5.61 -29.36
CA GLU D 280 6.60 4.25 -29.31
C GLU D 280 7.54 3.30 -30.03
N CYS D 281 7.77 3.57 -31.32
CA CYS D 281 8.62 2.70 -32.13
C CYS D 281 10.12 2.67 -31.79
N ASN D 282 10.76 3.83 -31.78
CA ASN D 282 12.18 3.90 -31.47
C ASN D 282 12.54 3.28 -30.12
N PRO D 283 11.85 3.67 -29.04
CA PRO D 283 12.17 3.10 -27.73
C PRO D 283 12.10 1.57 -27.71
N MET D 284 11.04 1.02 -28.30
CA MET D 284 10.87 -0.43 -28.32
C MET D 284 11.88 -1.10 -29.24
N ALA D 285 12.24 -0.43 -30.34
CA ALA D 285 13.20 -0.99 -31.27
C ALA D 285 14.57 -1.01 -30.59
N TYR D 286 14.85 0.01 -29.79
CA TYR D 286 16.11 0.12 -29.09
C TYR D 286 16.25 -1.01 -28.07
N VAL D 287 15.16 -1.27 -27.36
CA VAL D 287 15.15 -2.32 -26.34
C VAL D 287 15.36 -3.67 -27.02
N MET D 288 14.71 -3.84 -28.17
CA MET D 288 14.82 -5.07 -28.92
C MET D 288 16.24 -5.35 -29.40
N GLU D 289 16.86 -4.37 -30.04
CA GLU D 289 18.22 -4.57 -30.54
C GLU D 289 19.19 -4.85 -29.40
N LYS D 290 19.05 -4.14 -28.29
CA LYS D 290 19.93 -4.36 -27.14
C LYS D 290 19.73 -5.75 -26.55
N ALA D 291 18.57 -6.35 -26.81
CA ALA D 291 18.27 -7.68 -26.30
C ALA D 291 18.58 -8.75 -27.34
N GLY D 292 19.18 -8.34 -28.46
CA GLY D 292 19.51 -9.28 -29.51
C GLY D 292 18.37 -9.52 -30.49
N GLY D 293 17.36 -8.65 -30.45
CA GLY D 293 16.23 -8.79 -31.35
C GLY D 293 16.30 -7.83 -32.52
N MET D 294 15.23 -7.73 -33.29
CA MET D 294 15.21 -6.83 -34.43
C MET D 294 13.93 -6.00 -34.47
N ALA D 295 14.01 -4.89 -35.18
CA ALA D 295 12.89 -3.97 -35.34
C ALA D 295 13.01 -3.27 -36.69
N THR D 296 12.13 -3.62 -37.63
CA THR D 296 12.17 -3.05 -38.96
C THR D 296 10.82 -2.42 -39.35
N THR D 297 10.88 -1.52 -40.33
CA THR D 297 9.69 -0.85 -40.85
C THR D 297 9.31 -1.62 -42.11
N GLY D 298 10.20 -2.53 -42.50
CA GLY D 298 9.98 -3.32 -43.69
C GLY D 298 11.03 -2.90 -44.71
N LYS D 299 11.28 -1.59 -44.77
CA LYS D 299 12.27 -1.04 -45.68
C LYS D 299 13.62 -0.82 -45.01
N GLU D 300 13.60 -0.54 -43.72
CA GLU D 300 14.84 -0.30 -42.98
C GLU D 300 14.64 -0.48 -41.49
N ALA D 301 15.73 -0.47 -40.75
CA ALA D 301 15.68 -0.61 -39.31
C ALA D 301 15.05 0.65 -38.71
N VAL D 302 14.07 0.44 -37.84
CA VAL D 302 13.36 1.54 -37.18
C VAL D 302 14.31 2.60 -36.64
N LEU D 303 15.37 2.15 -35.99
CA LEU D 303 16.35 3.05 -35.41
C LEU D 303 17.13 3.92 -36.42
N ASP D 304 17.09 3.58 -37.70
CA ASP D 304 17.81 4.35 -38.71
C ASP D 304 16.93 5.38 -39.42
N VAL D 305 15.63 5.35 -39.15
CA VAL D 305 14.72 6.31 -39.77
C VAL D 305 15.02 7.70 -39.22
N ILE D 306 15.21 8.69 -40.10
CA ILE D 306 15.46 10.04 -39.63
C ILE D 306 14.15 10.82 -39.68
N PRO D 307 13.61 11.14 -38.50
CA PRO D 307 12.35 11.87 -38.37
C PRO D 307 12.40 13.33 -38.81
N THR D 308 11.26 13.81 -39.29
CA THR D 308 11.13 15.19 -39.74
C THR D 308 9.99 15.87 -38.97
N ASP D 309 9.20 15.05 -38.27
CA ASP D 309 8.07 15.53 -37.48
C ASP D 309 8.00 14.71 -36.19
N ILE D 310 7.92 15.39 -35.05
CA ILE D 310 7.90 14.72 -33.75
C ILE D 310 6.78 13.71 -33.52
N HIS D 311 5.67 13.83 -34.26
CA HIS D 311 4.57 12.90 -34.09
C HIS D 311 4.39 12.03 -35.33
N GLN D 312 5.41 11.94 -36.18
CA GLN D 312 5.26 11.13 -37.37
C GLN D 312 5.10 9.66 -37.02
N ARG D 313 4.30 8.97 -37.82
CA ARG D 313 4.03 7.56 -37.62
C ARG D 313 5.11 6.71 -38.31
N ALA D 314 5.17 5.44 -37.94
CA ALA D 314 6.14 4.54 -38.53
C ALA D 314 5.66 3.10 -38.44
N PRO D 315 5.78 2.35 -39.54
CA PRO D 315 5.35 0.95 -39.50
C PRO D 315 6.38 0.20 -38.68
N VAL D 316 6.00 -0.89 -38.02
CA VAL D 316 6.96 -1.62 -37.20
C VAL D 316 6.69 -3.12 -37.08
N ILE D 317 7.76 -3.89 -37.25
CA ILE D 317 7.73 -5.35 -37.14
C ILE D 317 8.95 -5.65 -36.26
N LEU D 318 8.73 -6.21 -35.07
CA LEU D 318 9.84 -6.48 -34.16
C LEU D 318 9.70 -7.79 -33.41
N GLY D 319 10.78 -8.20 -32.74
CA GLY D 319 10.76 -9.45 -32.00
C GLY D 319 11.99 -10.30 -32.27
N SER D 320 11.85 -11.61 -32.08
CA SER D 320 12.94 -12.56 -32.31
C SER D 320 13.54 -12.39 -33.72
N PRO D 321 14.87 -12.33 -33.81
CA PRO D 321 15.58 -12.17 -35.10
C PRO D 321 15.14 -13.14 -36.20
N ASP D 322 15.13 -14.44 -35.91
CA ASP D 322 14.71 -15.41 -36.94
C ASP D 322 13.32 -15.09 -37.45
N ASP D 323 12.45 -14.63 -36.55
CA ASP D 323 11.09 -14.30 -36.93
C ASP D 323 10.99 -13.04 -37.77
N VAL D 324 11.76 -12.02 -37.43
CA VAL D 324 11.74 -10.79 -38.21
C VAL D 324 12.40 -11.04 -39.57
N LEU D 325 13.53 -11.75 -39.56
CA LEU D 325 14.23 -12.07 -40.80
C LEU D 325 13.26 -12.77 -41.75
N GLU D 326 12.49 -13.72 -41.21
CA GLU D 326 11.54 -14.45 -42.03
C GLU D 326 10.50 -13.49 -42.62
N PHE D 327 10.06 -12.53 -41.83
CA PHE D 327 9.10 -11.57 -42.33
C PHE D 327 9.72 -10.77 -43.47
N LEU D 328 10.94 -10.29 -43.25
CA LEU D 328 11.64 -9.52 -44.28
C LEU D 328 11.79 -10.32 -45.56
N LYS D 329 11.93 -11.63 -45.44
CA LYS D 329 12.06 -12.50 -46.60
C LYS D 329 10.77 -12.41 -47.41
N VAL D 330 9.64 -12.54 -46.73
CA VAL D 330 8.35 -12.45 -47.40
C VAL D 330 8.15 -11.05 -47.97
N TYR D 331 8.54 -10.04 -47.19
CA TYR D 331 8.41 -8.65 -47.61
C TYR D 331 9.19 -8.41 -48.91
N GLU D 332 10.42 -8.91 -48.96
CA GLU D 332 11.29 -8.76 -50.13
C GLU D 332 10.69 -9.42 -51.36
N LYS D 333 10.02 -10.55 -51.15
CA LYS D 333 9.38 -11.29 -52.23
C LYS D 333 8.29 -10.47 -52.92
N HIS D 334 7.63 -9.61 -52.15
CA HIS D 334 6.57 -8.76 -52.64
C HIS D 334 7.06 -7.37 -53.04
N SER D 335 8.36 -7.16 -52.97
CA SER D 335 8.95 -5.86 -53.31
C SER D 335 9.48 -5.83 -54.74
#